data_2QFH
#
_entry.id   2QFH
#
_cell.length_a   1
_cell.length_b   1
_cell.length_c   1
_cell.angle_alpha   90.0
_cell.angle_beta   90.0
_cell.angle_gamma   90.0
#
_symmetry.space_group_name_H-M   'P 1'
#
_entity_poly.entity_id   1
_entity_poly.type   'polypeptide(L)'
_entity_poly.pdbx_seq_one_letter_code
;EAEAEFGLPCKSPPEISHGVVAHMSDSYQYGEEVTYKCFEGFGIDGPAIAKCLGEKWSHPPSCIKTDCLSLPSFENAIPM
GEKKDVYKAGEQVTYTCATYYKMDGASNVTCINSRWTGRPTCRDTSCVNPPTVQNAYIVSRQMSKYPSGERVRYQCRSPY
EMFGDEEVMCLNGNWTEPPQCKDSTGKCGPPPPIDNGDITSFPLSVYAPASSVEYQCQNLYQLEGNKRITCRNGQWSEPP
KCLHPCVISREIMENYNIALRWTAKQKLYSRTGESVEFVCKRGYRLSSRSHTLRTTCWDGKLEYPTCAKRPLEQKLISEE
DLNSAVDHHHHHH
;
_entity_poly.pdbx_strand_id   A
#
# COMPACT_ATOMS: atom_id res chain seq x y z
CA GLU A 1 15.08 -13.33 17.90
CA ALA A 2 16.37 -13.55 14.27
CA GLU A 3 14.11 -11.39 11.92
CA ALA A 4 15.39 -8.82 9.21
CA GLU A 5 14.04 -6.36 7.19
CA PHE A 6 15.08 -3.54 5.13
CA GLY A 7 14.74 -1.40 1.75
CA LEU A 8 15.38 -1.28 -1.08
CA PRO A 9 18.24 1.32 -1.07
CA CYS A 10 18.79 3.25 -4.32
CA LYS A 11 21.96 2.99 -6.40
CA SER A 12 23.20 5.31 -9.18
CA PRO A 13 20.19 7.10 -10.82
CA PRO A 14 19.48 6.08 -14.48
CA GLU A 15 19.68 8.46 -17.44
CA ILE A 16 16.72 10.75 -18.24
CA SER A 17 14.76 11.71 -21.39
CA HIS A 18 17.17 13.59 -23.72
CA GLY A 19 18.84 14.90 -20.57
CA VAL A 20 21.68 14.38 -18.12
CA VAL A 21 22.50 14.86 -14.47
CA ALA A 22 24.65 17.72 -13.16
CA HIS A 23 25.18 16.30 -9.66
CA MET A 24 26.71 12.90 -10.40
CA SER A 25 27.59 11.59 -6.91
CA ASP A 26 28.80 8.16 -5.72
CA SER A 27 26.57 7.60 -2.67
CA TYR A 28 22.78 7.52 -3.21
CA GLN A 29 20.76 5.72 -0.49
CA TYR A 30 17.26 6.96 0.51
CA GLY A 31 15.87 10.49 0.94
CA GLU A 32 17.91 12.07 -1.86
CA GLU A 33 17.12 14.23 -4.90
CA VAL A 34 18.94 14.65 -8.24
CA THR A 35 19.13 17.24 -11.04
CA TYR A 36 17.34 15.79 -14.08
CA LYS A 37 18.22 18.60 -16.54
CA CYS A 38 17.53 18.46 -20.32
CA PHE A 39 20.06 19.22 -23.10
CA GLU A 40 20.28 22.19 -25.48
CA GLY A 41 17.85 21.71 -28.39
CA PHE A 42 15.11 20.20 -26.17
CA GLY A 43 12.40 22.41 -24.69
CA ILE A 44 11.80 21.62 -21.04
CA ASP A 45 8.40 21.31 -19.44
CA GLY A 46 7.92 20.37 -15.77
CA PRO A 47 10.57 20.58 -13.02
CA ALA A 48 14.15 19.37 -13.72
CA ILE A 49 14.71 17.03 -10.71
CA ALA A 50 13.97 13.50 -9.51
CA LYS A 51 13.75 11.82 -6.06
CA CYS A 52 14.84 8.39 -4.68
CA LEU A 53 11.99 5.94 -4.04
CA GLY A 54 13.91 2.94 -2.74
CA GLU A 55 14.90 1.25 -6.01
CA LYS A 56 13.25 3.48 -8.60
CA TRP A 57 13.44 7.26 -9.04
CA SER A 58 10.54 9.74 -8.98
CA HIS A 59 9.41 12.63 -11.35
CA PRO A 60 11.05 12.35 -14.72
CA PRO A 61 10.92 15.61 -16.83
CA SER A 62 9.28 16.33 -20.12
CA CYS A 63 12.07 17.38 -22.50
CA ILE A 64 9.82 17.65 -25.90
CA LYS A 65 7.91 19.74 -28.62
CA THR A 66 4.92 17.23 -28.88
CA ASP A 67 2.37 16.58 -31.78
CA CYS A 68 -0.44 13.84 -33.08
CA LEU A 69 -0.17 10.08 -33.25
CA SER A 70 -0.54 7.65 -36.07
CA LEU A 71 -3.98 8.12 -37.54
CA PRO A 72 -6.55 5.45 -37.25
CA SER A 73 -7.45 3.65 -40.41
CA PHE A 74 -10.88 4.53 -41.50
CA GLU A 75 -13.63 2.32 -42.75
CA ASN A 76 -12.67 0.91 -46.12
CA ALA A 77 -9.57 2.98 -46.36
CA ILE A 78 -5.85 2.96 -45.67
CA PRO A 79 -3.84 5.70 -44.08
CA MET A 80 -0.79 6.92 -45.87
CA GLY A 81 2.07 9.04 -44.70
CA GLU A 82 4.95 10.30 -46.74
CA LYS A 83 7.17 10.30 -43.74
CA LYS A 84 6.66 8.77 -40.37
CA ASP A 85 3.29 8.20 -38.89
CA VAL A 86 3.91 10.78 -36.27
CA TYR A 87 3.09 14.09 -37.81
CA LYS A 88 4.30 16.26 -35.01
CA ALA A 89 1.89 19.16 -34.92
CA GLY A 90 -0.43 20.95 -37.23
CA GLU A 91 0.32 19.00 -40.37
CA GLN A 92 -1.75 17.72 -43.22
CA VAL A 93 -2.35 14.03 -43.31
CA THR A 94 -3.80 12.48 -46.38
CA TYR A 95 -5.69 9.22 -46.27
CA THR A 96 -6.05 6.68 -48.99
CA CYS A 97 -8.85 4.46 -50.25
CA ALA A 98 -9.09 1.12 -51.97
CA THR A 99 -9.16 0.75 -55.74
CA TYR A 100 -12.82 1.52 -56.20
CA TYR A 101 -13.41 4.20 -53.57
CA LYS A 102 -13.13 7.97 -53.33
CA MET A 103 -12.15 10.22 -50.43
CA ASP A 104 -14.54 12.88 -49.26
CA GLY A 105 -12.60 15.59 -47.55
CA ALA A 106 -11.06 19.02 -47.77
CA SER A 107 -7.73 17.93 -49.14
CA ASN A 108 -5.97 16.61 -46.08
CA VAL A 109 -6.83 16.12 -42.46
CA THR A 110 -5.53 18.75 -40.11
CA CYS A 111 -4.54 17.66 -36.67
CA ILE A 112 -3.88 20.38 -34.19
CA ASN A 113 -3.26 19.29 -30.66
CA SER A 114 -4.88 15.86 -30.94
CA ARG A 115 -7.91 16.83 -32.94
CA TRP A 116 -8.50 15.64 -36.46
CA THR A 117 -10.64 18.17 -38.22
CA GLY A 118 -11.89 16.64 -41.43
CA ARG A 119 -12.30 12.94 -41.71
CA PRO A 120 -11.97 11.50 -45.11
CA THR A 121 -14.56 8.91 -45.95
CA CYS A 122 -14.30 6.35 -48.66
CA ARG A 123 -13.45 3.62 -48.80
CA ASP A 124 -12.70 0.08 -50.57
CA THR A 125 -13.73 -3.27 -48.60
CA SER A 126 -13.94 -7.18 -48.95
CA CYS A 127 -12.09 -9.68 -46.53
CA VAL A 128 -8.39 -10.37 -46.53
CA ASN A 129 -6.24 -13.42 -46.16
CA PRO A 130 -6.80 -14.74 -42.72
CA PRO A 131 -4.23 -14.68 -40.05
CA THR A 132 -2.66 -17.75 -38.54
CA VAL A 133 -4.35 -19.39 -35.60
CA GLN A 134 -2.64 -20.66 -32.43
CA ASN A 135 -1.59 -24.13 -33.39
CA ALA A 136 -2.97 -24.14 -36.89
CA TYR A 137 -2.72 -23.07 -40.50
CA ILE A 138 -5.23 -21.51 -42.84
CA VAL A 139 -6.45 -23.45 -45.84
CA SER A 140 -8.18 -21.86 -48.73
CA ARG A 141 -9.85 -22.39 -52.03
CA GLN A 142 -8.69 -21.01 -55.29
CA MET A 143 -8.85 -17.54 -53.88
CA SER A 144 -6.66 -16.51 -51.01
CA LYS A 145 -8.71 -13.44 -50.40
CA TYR A 146 -12.27 -14.27 -49.79
CA PRO A 147 -14.78 -11.70 -50.93
CA SER A 148 -16.96 -10.42 -48.11
CA GLY A 149 -19.63 -12.68 -46.66
CA GLU A 150 -17.90 -16.00 -47.18
CA ARG A 151 -17.04 -19.16 -45.30
CA VAL A 152 -13.43 -19.61 -44.41
CA ARG A 153 -12.18 -22.89 -43.13
CA TYR A 154 -9.05 -23.22 -41.03
CA GLN A 155 -6.86 -26.25 -40.50
CA CYS A 156 -4.74 -27.67 -37.72
CA ARG A 157 -1.73 -29.89 -37.41
CA SER A 158 -2.23 -33.64 -37.54
CA PRO A 159 -2.45 -33.84 -33.78
CA TYR A 160 -5.23 -31.32 -33.28
CA GLU A 161 -8.91 -30.71 -33.90
CA MET A 162 -10.69 -27.52 -34.88
CA PHE A 163 -13.57 -26.30 -32.85
CA GLY A 164 -15.89 -24.00 -34.69
CA ASP A 165 -19.35 -23.66 -36.10
CA GLU A 166 -18.51 -24.84 -39.59
CA GLU A 167 -16.35 -22.07 -40.94
CA VAL A 168 -15.49 -18.52 -40.08
CA MET A 169 -17.76 -15.87 -41.43
CA CYS A 170 -16.29 -12.54 -42.29
CA LEU A 171 -18.82 -9.80 -42.82
CA ASN A 172 -17.12 -6.62 -43.96
CA GLY A 173 -13.95 -7.10 -41.96
CA ASN A 174 -15.25 -9.01 -38.96
CA TRP A 175 -14.33 -12.64 -38.39
CA THR A 176 -16.94 -14.05 -36.13
CA GLU A 177 -16.01 -17.60 -35.23
CA PRO A 178 -12.50 -18.49 -34.46
CA PRO A 179 -11.52 -22.05 -34.96
CA GLN A 180 -9.31 -23.22 -32.17
CA CYS A 181 -7.02 -26.17 -32.33
CA LYS A 182 -5.18 -24.56 -29.03
CA ASP A 183 -6.16 -23.82 -25.34
CA SER A 184 -4.20 -22.97 -22.00
CA THR A 185 -5.50 -25.24 -19.03
CA GLY A 186 -5.36 -23.76 -15.45
CA LYS A 187 -8.61 -21.77 -15.08
CA CYS A 188 -11.00 -22.60 -12.19
CA GLY A 189 -14.81 -22.75 -11.96
CA PRO A 190 -16.92 -21.24 -9.20
CA PRO A 191 -15.52 -21.55 -5.67
CA PRO A 192 -16.85 -24.25 -3.34
CA PRO A 193 -19.47 -23.59 -0.66
CA ILE A 194 -18.37 -24.30 2.91
CA ASP A 195 -20.59 -24.98 5.88
CA ASN A 196 -21.46 -21.93 7.96
CA GLY A 197 -19.37 -19.57 5.80
CA ASP A 198 -19.63 -17.61 2.62
CA ILE A 199 -17.31 -16.01 0.02
CA THR A 200 -17.05 -12.27 0.23
CA SER A 201 -17.46 -11.55 -3.52
CA PHE A 202 -19.99 -12.43 -6.20
CA PRO A 203 -19.15 -15.82 -7.75
CA LEU A 204 -17.97 -15.92 -11.34
CA SER A 205 -18.29 -18.71 -13.89
CA VAL A 206 -14.55 -18.84 -14.53
CA TYR A 207 -11.40 -17.62 -12.83
CA ALA A 208 -7.93 -17.09 -14.21
CA PRO A 209 -4.99 -18.82 -12.65
CA ALA A 210 -3.64 -16.84 -9.67
CA SER A 211 -7.13 -15.40 -8.90
CA SER A 212 -8.23 -15.53 -5.30
CA VAL A 213 -11.42 -15.26 -3.26
CA GLU A 214 -11.96 -15.04 0.51
CA TYR A 215 -14.37 -16.58 2.96
CA GLN A 216 -16.00 -15.25 6.10
CA CYS A 217 -17.62 -17.47 8.72
CA GLN A 218 -21.09 -16.70 10.10
CA ASN A 219 -21.17 -14.64 13.21
CA LEU A 220 -20.51 -17.03 16.14
CA TYR A 221 -18.32 -19.35 14.03
CA GLN A 222 -14.56 -19.01 14.17
CA LEU A 223 -12.62 -19.23 10.88
CA GLU A 224 -9.77 -21.74 11.20
CA GLY A 225 -6.80 -21.27 8.90
CA ASN A 226 -6.31 -19.05 5.90
CA LYS A 227 -9.48 -17.26 4.70
CA ARG A 228 -8.14 -17.00 1.11
CA ILE A 229 -8.32 -19.60 -1.62
CA THR A 230 -6.32 -19.29 -4.82
CA CYS A 231 -6.83 -20.79 -8.27
CA ARG A 232 -3.81 -22.71 -9.59
CA ASN A 233 -3.46 -25.41 -12.21
CA GLY A 234 -7.21 -25.74 -12.59
CA GLN A 235 -8.00 -26.22 -8.88
CA TRP A 236 -8.83 -24.03 -5.89
CA SER A 237 -6.65 -24.35 -2.81
CA GLU A 238 -8.18 -25.69 0.40
CA PRO A 239 -10.86 -23.51 2.00
CA PRO A 240 -10.81 -22.68 5.76
CA LYS A 241 -13.15 -24.41 8.28
CA CYS A 242 -15.80 -22.57 10.33
CA LEU A 243 -15.46 -23.92 13.85
CA HIS A 244 -18.73 -24.37 15.71
CA PRO A 245 -19.90 -22.37 18.76
CA CYS A 246 -20.97 -24.23 21.93
CA VAL A 247 -24.50 -24.03 23.38
CA ILE A 248 -25.04 -24.41 27.15
CA SER A 249 -26.99 -27.57 28.09
CA ARG A 250 -29.67 -27.22 30.78
CA GLU A 251 -29.83 -31.00 31.31
CA ILE A 252 -26.02 -31.44 31.70
CA MET A 253 -25.83 -28.48 34.09
CA GLU A 254 -28.76 -29.83 36.16
CA ASN A 255 -27.13 -33.32 36.20
CA TYR A 256 -23.69 -31.96 37.22
CA ASN A 257 -25.10 -29.52 39.89
CA ILE A 258 -23.62 -26.39 38.28
CA ALA A 259 -24.89 -23.01 37.07
CA LEU A 260 -23.35 -20.14 35.13
CA ARG A 261 -21.31 -17.91 37.43
CA TRP A 262 -22.30 -14.58 35.87
CA THR A 263 -26.09 -14.25 35.63
CA ALA A 264 -25.75 -10.81 33.96
CA LYS A 265 -23.20 -12.15 31.44
CA GLN A 266 -24.70 -15.38 30.11
CA LYS A 267 -22.68 -16.88 27.24
CA LEU A 268 -25.55 -19.09 26.12
CA TYR A 269 -23.58 -19.55 22.89
CA SER A 270 -19.82 -19.40 23.10
CA ARG A 271 -17.34 -19.07 20.22
CA THR A 272 -14.58 -21.60 19.74
CA GLY A 273 -11.76 -20.35 22.00
CA GLU A 274 -14.05 -18.50 24.41
CA SER A 275 -14.36 -19.66 28.01
CA VAL A 276 -17.47 -20.17 30.09
CA GLU A 277 -17.34 -20.00 33.85
CA PHE A 278 -19.53 -22.14 36.05
CA VAL A 279 -20.12 -22.37 39.79
CA CYS A 280 -21.29 -25.23 41.96
CA LYS A 281 -24.92 -24.98 43.00
CA ARG A 282 -25.71 -24.22 46.66
CA GLY A 283 -24.73 -27.21 48.80
CA TYR A 284 -22.26 -28.77 46.36
CA ARG A 285 -18.50 -28.86 45.84
CA LEU A 286 -16.19 -29.54 42.90
CA SER A 287 -15.78 -33.32 42.56
CA SER A 288 -12.33 -34.94 42.50
CA ARG A 289 -11.00 -35.35 38.96
CA SER A 290 -13.51 -32.64 37.81
CA HIS A 291 -12.57 -30.26 35.02
CA THR A 292 -11.95 -26.71 36.18
CA LEU A 293 -15.03 -24.50 36.68
CA ARG A 294 -13.70 -22.29 33.87
CA THR A 295 -13.79 -24.23 30.62
CA THR A 296 -13.14 -23.50 26.92
CA CYS A 297 -15.37 -24.04 23.95
CA TRP A 298 -13.80 -26.04 21.14
CA ASP A 299 -15.74 -26.58 17.90
CA GLY A 300 -19.07 -27.31 19.63
CA LYS A 301 -17.70 -29.15 22.67
CA LEU A 302 -17.54 -27.86 26.22
CA GLU A 303 -16.04 -30.16 28.89
CA TYR A 304 -18.25 -29.41 31.87
CA PRO A 305 -17.13 -29.52 35.52
CA THR A 306 -18.97 -31.80 37.93
CA CYS A 307 -19.97 -30.94 41.53
CA ALA A 308 -20.94 -33.37 44.27
CA LYS A 309 -23.16 -32.73 47.35
CA ARG A 310 -20.94 -31.05 49.96
CA PRO A 311 -22.55 -29.81 53.50
CA LEU A 312 -21.58 -26.38 55.07
CA GLU A 313 -21.21 -25.32 58.94
CA GLN A 314 -20.75 -21.85 60.84
CA LYS A 315 -18.65 -21.12 64.17
CA LEU A 316 -17.86 -18.12 66.55
CA ILE A 317 -14.86 -16.14 67.78
CA SER A 318 -14.39 -14.39 71.23
CA GLU A 319 -14.12 -10.67 72.34
CA GLU A 320 -12.70 -8.29 75.14
CA ASP A 321 -12.22 -6.82 78.73
CA LEU A 322 -13.38 -3.53 80.48
CA ASN A 323 -12.69 -0.62 83.18
CA SER A 324 -14.30 1.23 86.32
CA ALA A 325 -13.60 4.22 88.88
CA VAL A 326 -15.28 4.51 92.47
CA ASP A 327 -16.05 8.02 94.38
CA HIS A 328 -16.32 8.42 98.21
CA HIS A 329 -15.39 10.58 101.35
CA HIS A 330 -14.35 10.11 105.23
CA HIS A 331 -15.12 12.58 108.51
CA HIS A 332 -12.05 12.97 111.11
CA HIS A 333 -12.98 14.32 114.73
CA GLU A 1 16.82 -12.03 11.84
CA ALA A 2 17.43 -11.38 8.92
CA GLU A 3 15.23 -9.59 6.10
CA ALA A 4 16.76 -7.38 3.26
CA GLU A 5 15.53 -5.84 -0.35
CA PHE A 6 18.63 -4.64 -2.57
CA GLY A 7 17.80 -2.60 -5.79
CA LEU A 8 17.30 -1.46 -8.42
CA PRO A 9 19.40 -3.80 -10.66
CA CYS A 10 20.57 -2.34 -14.00
CA LYS A 11 19.46 -3.67 -17.37
CA SER A 12 20.99 -3.05 -20.82
CA PRO A 13 22.88 0.33 -20.82
CA PRO A 14 21.29 3.06 -23.04
CA GLU A 15 23.00 4.63 -26.05
CA ILE A 16 25.51 7.47 -25.55
CA SER A 17 26.13 10.90 -27.14
CA HIS A 18 27.17 10.31 -30.80
CA GLY A 19 28.79 7.10 -29.59
CA VAL A 20 28.32 3.37 -29.15
CA VAL A 21 29.36 0.55 -26.87
CA ALA A 22 32.08 -1.99 -27.75
CA HIS A 23 31.28 -4.47 -24.97
CA MET A 24 27.62 -5.25 -25.59
CA SER A 25 26.87 -7.99 -23.04
CA ASP A 26 23.59 -9.64 -21.98
CA SER A 27 23.96 -9.63 -18.17
CA TYR A 28 24.34 -6.24 -16.41
CA GLN A 29 23.41 -6.20 -12.71
CA TYR A 30 25.31 -3.97 -10.22
CA GLY A 31 29.02 -3.14 -9.93
CA GLU A 32 29.73 -3.15 -13.68
CA GLU A 33 31.36 -0.74 -16.12
CA VAL A 34 30.87 -0.24 -19.90
CA THR A 35 32.83 1.23 -22.83
CA TYR A 36 31.11 4.48 -23.85
CA LYS A 37 33.22 5.20 -26.95
CA CYS A 38 32.48 7.98 -29.50
CA PHE A 39 32.32 7.58 -33.31
CA GLU A 40 34.72 8.78 -36.02
CA GLY A 41 34.06 12.45 -36.80
CA PHE A 42 33.40 13.36 -33.14
CA GLY A 43 36.24 14.67 -30.96
CA ILE A 44 36.25 13.02 -27.56
CA ASP A 45 36.75 14.82 -24.29
CA GLY A 46 36.61 13.06 -20.91
CA PRO A 47 36.94 9.30 -20.31
CA ALA A 48 35.11 6.83 -22.60
CA ILE A 49 33.33 4.62 -19.99
CA ALA A 50 30.25 4.54 -17.78
CA LYS A 51 29.30 2.70 -14.54
CA CYS A 52 26.07 1.02 -13.25
CA LEU A 53 24.23 2.97 -10.54
CA GLY A 54 21.28 0.67 -9.89
CA GLU A 55 18.88 1.82 -12.62
CA LYS A 56 20.80 4.67 -14.26
CA TRP A 57 24.34 4.73 -15.61
CA SER A 58 27.20 7.04 -14.50
CA HIS A 59 29.73 9.31 -16.43
CA PRO A 60 28.56 9.97 -19.94
CA PRO A 61 31.35 11.30 -22.30
CA SER A 62 31.67 14.56 -24.13
CA CYS A 63 31.82 13.69 -27.83
CA ILE A 64 28.39 14.87 -29.45
CA LYS A 65 25.05 16.69 -28.59
CA THR A 66 21.48 15.93 -29.90
CA ASP A 67 18.95 14.58 -27.22
CA CYS A 68 15.48 16.17 -26.72
CA LEU A 69 12.46 15.01 -28.70
CA SER A 70 9.55 16.83 -30.17
CA LEU A 71 7.82 18.67 -27.38
CA PRO A 72 4.39 17.69 -26.32
CA SER A 73 1.64 20.10 -27.15
CA PHE A 74 0.35 21.75 -24.09
CA GLU A 75 -3.18 22.39 -23.03
CA ASN A 76 -4.73 24.96 -25.34
CA ALA A 77 -1.51 25.61 -27.12
CA ILE A 78 0.55 24.64 -30.15
CA PRO A 79 4.23 23.93 -30.23
CA MET A 80 6.32 25.75 -32.74
CA GLY A 81 9.82 25.13 -33.93
CA GLU A 82 11.79 27.22 -36.34
CA LYS A 83 13.69 24.23 -37.51
CA LYS A 84 13.04 20.59 -36.91
CA ASP A 85 11.23 19.31 -33.92
CA VAL A 86 14.34 17.70 -32.62
CA TYR A 87 16.26 20.36 -30.81
CA LYS A 88 19.37 18.39 -30.16
CA ALA A 89 20.55 19.53 -26.77
CA GLY A 90 20.25 22.51 -24.55
CA GLU A 91 18.23 24.69 -26.86
CA GLN A 92 15.40 27.10 -26.37
CA VAL A 93 12.02 25.96 -27.54
CA THR A 94 9.24 28.42 -27.77
CA TYR A 95 5.62 27.35 -27.60
CA THR A 96 2.64 29.05 -29.11
CA CYS A 97 -0.92 29.70 -28.04
CA ALA A 98 -4.23 30.18 -29.77
CA THR A 99 -5.54 33.58 -30.82
CA TYR A 100 -6.89 34.59 -27.45
CA TYR A 101 -4.31 33.13 -25.09
CA LYS A 102 -1.01 34.18 -23.55
CA MET A 103 2.08 32.16 -22.66
CA ASP A 104 3.35 32.21 -19.11
CA GLY A 105 7.00 31.37 -19.13
CA ALA A 106 10.55 32.63 -18.95
CA SER A 107 11.00 33.24 -22.64
CA ASN A 108 11.59 29.77 -23.97
CA VAL A 109 11.69 26.29 -22.56
CA THR A 110 15.11 24.90 -21.89
CA CYS A 111 15.59 21.22 -22.37
CA ILE A 112 18.81 19.78 -21.10
CA ASN A 113 19.14 16.05 -21.24
CA SER A 114 15.42 15.26 -21.48
CA ARG A 115 14.16 17.75 -18.93
CA TRP A 116 11.98 20.69 -19.85
CA THR A 117 12.52 23.39 -17.31
CA GLY A 118 9.80 25.95 -17.73
CA ARG A 119 6.48 24.97 -19.12
CA PRO A 120 4.59 27.63 -20.90
CA THR A 121 0.93 27.74 -20.06
CA CYS A 122 -1.73 29.36 -22.12
CA ARG A 123 -4.91 27.83 -22.99
CA ASP A 124 -5.25 24.42 -21.11
CA THR A 125 -6.33 21.66 -23.71
CA SER A 126 -6.07 17.78 -23.01
CA CYS A 127 -7.42 14.47 -21.87
CA VAL A 128 -7.67 11.85 -19.20
CA ASN A 129 -9.74 8.75 -18.67
CA PRO A 130 -13.27 9.86 -18.34
CA PRO A 131 -15.22 9.65 -15.18
CA THR A 132 -18.22 7.44 -14.68
CA VAL A 133 -21.62 8.75 -15.60
CA GLN A 134 -24.82 8.43 -13.54
CA ASN A 135 -26.15 5.09 -14.60
CA ALA A 136 -23.47 4.23 -17.09
CA TYR A 137 -19.95 3.07 -17.85
CA ILE A 138 -17.29 4.45 -20.12
CA VAL A 139 -16.18 2.49 -23.13
CA SER A 140 -13.01 3.18 -24.98
CA ARG A 141 -10.81 2.24 -27.85
CA GLN A 142 -7.35 0.91 -27.59
CA MET A 143 -6.33 3.94 -25.64
CA SER A 144 -7.85 4.68 -22.28
CA LYS A 145 -6.53 8.18 -22.35
CA TYR A 146 -7.70 10.05 -25.34
CA PRO A 147 -5.34 12.65 -26.67
CA SER A 148 -6.87 16.11 -26.75
CA GLY A 149 -9.54 16.91 -29.34
CA GLU A 150 -11.09 13.47 -29.60
CA ARG A 151 -14.47 11.80 -29.56
CA VAL A 152 -15.27 9.79 -26.49
CA ARG A 153 -18.25 7.51 -26.44
CA TYR A 154 -19.94 6.45 -23.22
CA GLN A 155 -22.12 3.44 -22.58
CA CYS A 156 -25.08 2.59 -20.41
CA ARG A 157 -26.54 -0.50 -18.84
CA SER A 158 -28.77 -2.72 -20.95
CA PRO A 159 -31.87 -0.93 -19.73
CA TYR A 160 -30.84 2.60 -20.66
CA GLU A 161 -30.16 4.87 -23.61
CA MET A 162 -27.50 7.53 -24.02
CA PHE A 163 -28.49 10.99 -24.99
CA GLY A 164 -25.74 13.00 -26.57
CA ASP A 165 -24.59 14.59 -29.77
CA GLU A 166 -22.53 11.66 -30.98
CA GLU A 167 -19.66 11.56 -28.56
CA VAL A 168 -18.10 13.78 -25.97
CA MET A 169 -15.52 16.21 -27.16
CA CYS A 170 -12.72 17.10 -24.86
CA LEU A 171 -10.75 20.13 -25.89
CA ASN A 172 -7.81 20.66 -23.57
CA GLY A 173 -9.53 19.43 -20.45
CA ASN A 174 -13.13 20.37 -21.14
CA TRP A 175 -15.75 17.73 -21.78
CA THR A 176 -18.53 19.42 -23.61
CA GLU A 177 -21.38 16.99 -24.07
CA PRO A 178 -22.36 14.70 -21.32
CA PRO A 179 -24.11 11.56 -22.30
CA GLN A 180 -26.93 10.82 -19.94
CA CYS A 181 -28.49 7.47 -19.46
CA LYS A 182 -29.30 5.77 -16.25
CA ASP A 183 -29.36 7.13 -12.63
CA SER A 184 -30.14 5.02 -9.26
CA THR A 185 -29.61 5.93 -5.46
CA GLY A 186 -27.05 3.81 -3.71
CA LYS A 187 -28.37 0.21 -3.60
CA CYS A 188 -26.06 -2.58 -2.32
CA GLY A 189 -25.55 -6.21 -3.44
CA PRO A 190 -25.36 -9.22 -1.16
CA PRO A 191 -23.46 -8.71 2.12
CA PRO A 192 -19.88 -9.96 2.42
CA PRO A 193 -18.96 -13.25 4.10
CA ILE A 194 -16.67 -12.96 7.13
CA ASP A 195 -14.47 -15.66 8.59
CA ASN A 196 -16.04 -17.66 11.39
CA GLY A 197 -19.30 -15.67 11.32
CA ASP A 198 -22.55 -15.54 9.44
CA ILE A 199 -25.36 -13.05 8.73
CA THR A 200 -28.53 -13.69 10.65
CA SER A 201 -30.97 -13.28 7.70
CA PHE A 202 -31.33 -14.80 4.26
CA PRO A 203 -29.20 -12.87 1.73
CA LEU A 204 -30.96 -10.83 -0.93
CA SER A 205 -29.76 -9.89 -4.40
CA VAL A 206 -30.22 -6.16 -3.77
CA TYR A 207 -30.68 -3.90 -0.79
CA ALA A 208 -32.07 -0.39 -0.57
CA PRO A 209 -30.00 2.36 0.92
CA ALA A 210 -30.37 2.45 4.73
CA SER A 211 -30.99 -1.35 4.87
CA SER A 212 -29.04 -3.26 7.47
CA VAL A 213 -28.05 -6.84 8.25
CA GLU A 214 -26.37 -8.35 11.32
CA TYR A 215 -23.65 -10.89 11.90
CA GLN A 216 -23.15 -13.52 14.57
CA CYS A 217 -19.83 -15.22 15.26
CA GLN A 218 -19.57 -19.01 15.61
CA ASN A 219 -19.84 -20.31 19.10
CA LEU A 220 -16.38 -19.92 20.70
CA TYR A 221 -15.54 -16.80 18.63
CA GLN A 222 -16.04 -13.37 20.13
CA LEU A 223 -17.59 -10.66 17.92
CA GLU A 224 -15.46 -7.51 17.99
CA GLY A 225 -17.20 -4.22 17.25
CA ASN A 226 -20.65 -3.49 15.89
CA LYS A 227 -22.56 -6.59 14.64
CA ARG A 228 -24.63 -4.47 12.20
CA ILE A 229 -23.70 -3.38 8.71
CA THR A 230 -25.67 -0.76 6.83
CA CYS A 231 -26.02 -0.04 3.11
CA ARG A 232 -25.22 3.56 2.14
CA ASN A 233 -24.17 5.14 -1.12
CA GLY A 234 -23.81 1.78 -2.82
CA GLN A 235 -21.51 0.20 -0.19
CA TRP A 236 -21.90 -1.81 3.02
CA SER A 237 -20.28 -0.47 6.15
CA GLU A 238 -17.42 -2.42 7.75
CA PRO A 239 -18.34 -5.83 9.18
CA PRO A 240 -17.24 -6.91 12.70
CA LYS A 241 -14.33 -9.37 13.27
CA CYS A 242 -14.73 -12.78 14.92
CA LEU A 243 -11.87 -13.05 17.38
CA HIS A 244 -10.33 -16.51 17.67
CA PRO A 245 -10.49 -18.82 20.73
CA CYS A 246 -7.25 -20.21 22.20
CA VAL A 247 -6.45 -23.95 22.36
CA ILE A 248 -4.25 -25.32 25.15
CA SER A 249 -0.91 -26.71 23.90
CA ARG A 250 0.30 -29.98 25.43
CA GLU A 251 3.86 -29.44 24.15
CA ILE A 252 4.16 -25.86 25.53
CA MET A 253 2.74 -26.92 28.89
CA GLU A 254 5.14 -29.91 29.06
CA ASN A 255 8.08 -27.61 28.09
CA TYR A 256 7.14 -24.93 30.67
CA ASN A 257 6.44 -27.48 33.52
CA ILE A 258 2.82 -26.35 34.03
CA ALA A 259 -0.62 -28.00 34.11
CA LEU A 260 -4.17 -26.68 34.26
CA ARG A 261 -5.15 -25.84 37.83
CA TRP A 262 -8.74 -27.09 37.68
CA THR A 263 -8.85 -30.68 36.38
CA ALA A 264 -12.69 -30.69 36.62
CA LYS A 265 -12.93 -27.36 34.77
CA GLN A 266 -10.67 -27.74 31.73
CA LYS A 267 -10.92 -24.77 29.33
CA LEU A 268 -9.34 -26.72 26.48
CA TYR A 269 -10.66 -23.94 24.23
CA SER A 270 -10.96 -20.49 25.70
CA ARG A 271 -12.83 -17.51 24.24
CA THR A 272 -11.07 -14.21 23.62
CA GLY A 273 -11.25 -12.41 26.97
CA GLU A 274 -11.52 -15.57 29.07
CA SER A 275 -8.73 -16.52 31.46
CA VAL A 276 -7.04 -19.87 31.95
CA GLU A 277 -5.36 -20.73 35.21
CA PHE A 278 -2.27 -22.88 35.39
CA VAL A 279 -0.19 -24.32 38.21
CA CYS A 280 3.44 -25.33 38.38
CA LYS A 281 3.99 -29.07 38.18
CA ARG A 282 5.18 -30.91 41.32
CA GLY A 283 8.75 -29.87 42.09
CA TYR A 284 8.73 -26.58 40.17
CA ARG A 285 8.29 -22.90 40.93
CA LEU A 286 7.27 -19.83 38.92
CA SER A 287 10.36 -18.52 37.10
CA SER A 288 11.50 -14.91 37.47
CA ARG A 289 10.03 -12.66 34.75
CA SER A 290 7.29 -15.33 34.18
CA HIS A 291 3.79 -14.28 33.21
CA THR A 292 1.22 -14.75 35.95
CA LEU A 293 -0.23 -18.27 36.34
CA ARG A 294 -3.62 -16.79 35.40
CA THR A 295 -3.52 -15.64 31.79
CA THR A 296 -6.01 -14.25 29.24
CA CYS A 297 -6.83 -15.48 25.80
CA TRP A 298 -6.58 -12.87 23.07
CA ASP A 299 -7.56 -13.75 19.50
CA GLY A 300 -5.83 -17.17 19.53
CA LYS A 301 -2.85 -16.24 21.71
CA LEU A 302 -2.25 -17.27 25.30
CA GLU A 303 0.95 -16.02 26.99
CA TYR A 304 1.92 -19.02 29.09
CA PRO A 305 3.72 -18.85 32.46
CA THR A 306 7.01 -20.69 32.87
CA CYS A 307 8.10 -22.73 35.93
CA ALA A 308 11.63 -23.82 36.82
CA LYS A 309 12.73 -26.82 38.96
CA ARG A 310 11.99 -25.25 42.35
CA PRO A 311 13.25 -27.80 45.17
CA LEU A 312 12.85 -28.08 49.06
CA GLU A 313 15.66 -29.70 51.28
CA GLN A 314 15.07 -31.66 54.48
CA LYS A 315 17.74 -32.52 57.25
CA LEU A 316 18.23 -32.02 61.21
CA ILE A 317 18.55 -34.66 64.00
CA SER A 318 19.05 -34.43 67.96
CA GLU A 319 20.45 -35.92 71.36
CA GLU A 320 18.90 -37.21 74.53
CA ASP A 321 19.38 -35.74 78.03
CA LEU A 322 19.28 -36.77 81.86
CA ASN A 323 18.48 -36.27 85.65
CA SER A 324 20.13 -35.93 89.20
CA ALA A 325 19.14 -36.31 93.09
CA VAL A 326 19.71 -34.24 96.44
CA ASP A 327 20.84 -35.58 100.17
CA HIS A 328 19.85 -34.68 103.89
CA HIS A 329 22.20 -35.03 107.06
CA HIS A 330 22.94 -33.08 110.39
CA HIS A 331 24.64 -34.40 113.67
CA HIS A 332 25.06 -33.49 117.35
CA HIS A 333 27.56 -32.46 120.32
CA GLU A 1 51.20 -39.57 59.47
CA ALA A 2 52.56 -37.66 57.16
CA GLU A 3 52.64 -37.65 53.25
CA ALA A 4 54.19 -35.56 50.21
CA GLU A 5 52.95 -34.76 46.50
CA PHE A 6 54.25 -32.95 43.29
CA GLY A 7 52.54 -31.67 40.29
CA LEU A 8 50.49 -29.66 39.90
CA PRO A 9 47.80 -31.70 38.03
CA CYS A 10 45.40 -29.73 35.81
CA LYS A 11 41.66 -29.49 36.45
CA SER A 12 38.88 -28.34 34.09
CA PRO A 13 40.35 -25.93 31.44
CA PRO A 14 39.13 -22.27 31.73
CA GLU A 15 37.12 -20.47 29.05
CA ILE A 16 38.93 -18.90 26.07
CA SER A 17 38.80 -15.54 24.23
CA HIS A 18 35.33 -15.23 22.61
CA GLY A 19 35.43 -19.00 22.19
CA VAL A 20 34.40 -22.33 23.69
CA VAL A 21 35.59 -25.89 23.95
CA ALA A 22 34.16 -28.75 21.86
CA HIS A 23 35.72 -31.59 23.87
CA MET A 24 34.43 -30.90 27.37
CA SER A 25 35.69 -33.93 29.34
CA ASP A 26 35.68 -34.69 33.10
CA SER A 27 39.25 -36.00 33.59
CA TYR A 28 42.16 -33.66 32.75
CA GLN A 29 45.48 -34.50 34.43
CA TYR A 30 48.83 -33.90 32.62
CA GLY A 31 49.82 -34.44 28.97
CA GLU A 32 46.45 -33.48 27.48
CA GLU A 33 45.26 -31.09 24.77
CA VAL A 34 41.92 -29.29 24.28
CA THR A 35 39.97 -27.68 21.41
CA TYR A 36 40.04 -23.90 21.96
CA LYS A 37 37.68 -22.95 19.09
CA CYS A 38 36.27 -19.42 18.51
CA PHE A 39 32.59 -18.54 17.93
CA GLU A 40 30.80 -17.38 14.76
CA GLY A 41 31.37 -13.64 14.25
CA PHE A 42 35.01 -13.76 15.43
CA GLY A 43 37.82 -14.19 12.91
CA ILE A 44 40.35 -16.76 14.08
CA ASP A 45 44.10 -16.34 13.86
CA GLY A 46 46.54 -18.95 15.21
CA PRO A 47 45.75 -22.60 16.00
CA ALA A 48 42.51 -23.50 17.86
CA ILE A 49 43.89 -25.71 20.69
CA ALA A 50 45.55 -25.50 24.10
CA LYS A 51 47.75 -27.86 26.18
CA CYS A 52 47.95 -28.73 29.93
CA LEU A 53 50.96 -27.26 31.75
CA GLY A 54 50.37 -28.56 35.26
CA GLU A 55 48.00 -25.91 36.63
CA LYS A 56 47.76 -23.47 33.71
CA TRP A 57 46.95 -24.12 30.07
CA SER A 58 49.15 -23.33 27.03
CA HIS A 59 48.50 -21.50 23.64
CA PRO A 60 45.37 -19.42 23.79
CA PRO A 61 44.00 -18.39 20.30
CA SER A 62 43.55 -15.00 18.75
CA CYS A 63 39.84 -14.64 18.01
CA ILE A 64 40.38 -10.98 16.86
CA LYS A 65 40.15 -8.78 13.68
CA THR A 66 41.16 -8.24 9.91
CA ASP A 67 38.14 -6.31 8.74
CA CYS A 68 38.48 -3.78 5.82
CA LEU A 69 38.93 -3.22 2.11
CA SER A 70 40.34 -0.37 0.14
CA LEU A 71 38.39 2.72 1.02
CA PRO A 72 36.23 4.39 -1.50
CA SER A 73 37.39 7.70 -2.76
CA PHE A 74 35.21 10.44 -1.51
CA GLU A 75 33.78 13.37 -3.35
CA ASN A 76 36.56 15.73 -4.32
CA ALA A 77 39.16 13.79 -2.43
CA ILE A 78 41.79 11.10 -2.77
CA PRO A 79 42.40 8.24 -0.41
CA MET A 80 45.88 7.72 0.86
CA GLY A 81 47.43 4.79 2.61
CA GLU A 82 50.93 4.57 3.96
CA LYS A 83 50.99 0.88 3.39
CA LYS A 84 48.66 -1.29 1.44
CA ASP A 85 45.08 -0.43 0.85
CA VAL A 86 43.97 -3.29 2.98
CA TYR A 87 44.09 -2.08 6.53
CA LYS A 88 43.37 -5.35 8.19
CA ALA A 89 41.26 -4.47 11.19
CA GLY A 90 40.65 -1.55 13.43
CA GLU A 91 43.15 0.82 11.93
CA GLN A 92 43.17 4.50 11.19
CA VAL A 93 42.86 5.48 7.60
CA THR A 94 43.53 9.02 6.62
CA TYR A 95 42.04 10.52 3.48
CA THR A 96 43.42 13.30 1.39
CA CYS A 97 41.96 16.27 -0.44
CA ALA A 98 42.87 18.31 -3.49
CA THR A 99 45.02 21.42 -3.30
CA TYR A 100 42.30 23.78 -2.25
CA TYR A 101 40.20 21.62 0.06
CA LYS A 102 40.14 20.68 3.72
CA MET A 103 39.17 17.45 5.47
CA ASP A 104 36.45 17.48 8.08
CA GLY A 105 36.95 14.57 10.38
CA ALA A 106 38.22 13.34 13.71
CA SER A 107 41.76 12.67 12.62
CA ASN A 108 41.44 9.41 10.77
CA VAL A 109 38.67 7.07 9.82
CA THR A 110 38.26 4.05 11.99
CA CYS A 111 37.10 0.89 10.36
CA ILE A 112 36.10 -1.90 12.65
CA ASN A 113 34.59 -4.93 11.02
CA SER A 114 33.56 -3.24 7.77
CA ARG A 115 32.23 -0.03 9.21
CA TRP A 116 33.84 3.33 8.58
CA THR A 117 33.03 5.58 11.46
CA GLY A 118 33.93 9.10 10.49
CA ARG A 119 33.89 10.14 6.90
CA PRO A 120 36.19 12.89 5.95
CA THR A 121 34.66 15.46 3.67
CA CYS A 122 36.53 17.87 1.52
CA ARG A 123 33.07 17.31 2.10
CA ASP A 124 29.32 16.03 1.29
CA THR A 125 26.28 17.61 -0.61
CA SER A 126 22.59 18.12 0.45
CA CYS A 127 20.42 18.31 -3.08
CA VAL A 128 16.91 17.94 -4.38
CA ASN A 129 15.35 16.98 -7.66
CA PRO A 130 16.31 19.60 -10.11
CA PRO A 131 13.91 22.01 -11.61
CA THR A 132 12.99 22.12 -15.25
CA VAL A 133 15.08 24.18 -17.61
CA GLN A 134 13.80 26.53 -20.33
CA ASN A 135 13.32 24.22 -23.26
CA ALA A 136 14.50 21.05 -21.60
CA TYR A 137 13.89 18.16 -19.24
CA ILE A 138 15.97 16.73 -16.44
CA VAL A 139 17.36 13.24 -16.75
CA SER A 140 18.64 11.28 -13.84
CA ARG A 141 20.19 8.08 -12.69
CA GLN A 142 18.65 5.63 -10.36
CA MET A 143 18.27 8.33 -7.78
CA SER A 144 16.07 11.32 -8.41
CA LYS A 145 17.58 13.16 -5.52
CA TYR A 146 21.26 13.49 -5.86
CA PRO A 147 23.19 13.54 -2.64
CA SER A 148 25.26 16.69 -2.23
CA GLY A 149 28.36 17.18 -4.35
CA GLU A 150 27.22 15.31 -7.44
CA ARG A 151 27.03 15.74 -11.18
CA VAL A 152 23.60 16.28 -12.61
CA ARG A 153 23.03 16.08 -16.30
CA TYR A 154 20.11 17.79 -18.01
CA GLN A 155 18.52 17.00 -21.33
CA CYS A 156 16.84 18.92 -24.11
CA ARG A 157 14.28 18.21 -26.78
CA SER A 158 15.43 16.59 -30.00
CA PRO A 159 15.87 19.96 -31.65
CA TYR A 160 18.18 21.51 -29.08
CA GLU A 161 21.67 21.28 -27.62
CA MET A 162 22.79 21.72 -24.04
CA PHE A 163 25.50 24.15 -23.23
CA GLY A 164 27.29 23.46 -20.00
CA ASP A 165 30.55 22.39 -18.50
CA GLU A 166 29.76 18.70 -18.31
CA GLU A 167 27.08 18.54 -15.67
CA VAL A 168 25.66 20.72 -12.99
CA MET A 169 27.36 20.63 -9.65
CA CYS A 170 25.27 21.14 -6.59
CA LEU A 171 27.25 21.84 -3.46
CA ASN A 172 24.96 22.03 -0.46
CA GLY A 173 22.03 23.59 -2.28
CA ASN A 174 23.79 25.59 -4.96
CA TRP A 175 23.56 24.62 -8.60
CA THR A 176 26.49 26.18 -10.30
CA GLU A 177 26.25 25.55 -14.02
CA PRO A 178 22.99 25.80 -15.77
CA PRO A 179 22.62 23.89 -18.93
CA GLN A 180 20.81 25.90 -21.52
CA CYS A 181 19.08 24.50 -24.51
CA LYS A 182 15.68 26.31 -25.09
CA ASP A 183 12.68 26.03 -22.32
CA SER A 184 10.51 23.96 -19.77
CA THR A 185 6.53 24.64 -19.42
CA GLY A 186 5.30 25.57 -15.58
CA LYS A 187 6.37 23.05 -12.91
CA CYS A 188 7.15 24.30 -9.37
CA GLY A 189 9.83 23.29 -6.83
CA PRO A 190 9.24 22.65 -3.15
CA PRO A 191 6.78 24.99 -1.41
CA PRO A 192 8.11 27.86 0.71
CA PRO A 193 8.38 27.71 4.50
CA ILE A 194 6.33 30.31 6.39
CA ASP A 195 6.90 31.53 9.92
CA ASN A 196 4.92 29.69 12.58
CA GLY A 197 3.17 27.42 10.06
CA ASP A 198 3.77 24.24 8.15
CA ILE A 199 2.47 22.49 5.02
CA THR A 200 0.18 19.57 5.69
CA SER A 201 1.81 17.10 3.23
CA PHE A 202 5.30 15.78 2.63
CA PRO A 203 7.24 18.13 0.33
CA LEU A 204 8.12 16.92 -3.15
CA SER A 205 11.02 17.93 -5.38
CA VAL A 206 8.73 18.97 -8.24
CA TYR A 207 5.07 19.76 -8.72
CA ALA A 208 2.97 19.81 -11.85
CA PRO A 209 1.11 22.92 -12.82
CA ALA A 210 -2.29 23.10 -11.06
CA SER A 211 -0.94 21.14 -8.03
CA SER A 212 -1.76 22.56 -4.63
CA VAL A 213 -0.60 22.25 -1.04
CA GLU A 214 -2.06 23.64 2.20
CA TYR A 215 -0.66 25.27 5.29
CA GLN A 216 -1.67 25.09 8.94
CA CYS A 217 -0.54 27.62 11.54
CA GLN A 218 0.87 26.49 14.90
CA ASN A 219 -1.63 26.21 17.67
CA LEU A 220 -2.15 29.75 19.06
CA TYR A 221 -1.49 31.40 15.66
CA GLN A 222 -4.39 32.41 13.47
CA LEU A 223 -4.13 31.69 9.71
CA GLU A 224 -4.94 34.82 7.73
CA GLY A 225 -6.23 34.34 4.19
CA ASN A 226 -6.39 31.27 2.01
CA LYS A 227 -4.54 28.21 3.42
CA ARG A 228 -3.99 26.78 -0.09
CA ILE A 229 -1.21 27.59 -2.51
CA THR A 230 -1.32 26.49 -6.14
CA CYS A 231 1.44 25.97 -8.70
CA ARG A 232 0.94 27.91 -11.95
CA ASN A 233 3.35 29.06 -14.62
CA GLY A 234 6.35 27.93 -12.62
CA GLN A 235 5.46 29.80 -9.40
CA TRP A 236 3.49 29.10 -6.22
CA SER A 237 0.71 31.49 -5.31
CA GLU A 238 1.03 33.59 -2.15
CA PRO A 239 1.02 31.67 1.13
CA PRO A 240 -1.20 32.74 4.09
CA LYS A 241 0.23 34.58 7.16
CA CYS A 242 0.18 33.16 10.69
CA LEU A 243 -0.96 36.01 12.91
CA HIS A 244 0.73 36.19 16.30
CA PRO A 245 -0.92 35.57 19.70
CA CYS A 246 -0.63 38.22 22.44
CA VAL A 247 1.10 37.59 25.79
CA ILE A 248 -0.06 39.47 28.92
CA SER A 249 2.59 41.88 30.29
CA ARG A 250 3.05 41.98 34.07
CA GLU A 251 4.95 45.28 33.90
CA ILE A 252 2.31 47.06 31.73
CA MET A 253 -0.52 45.79 33.94
CA GLU A 254 1.34 46.92 37.11
CA ASN A 255 2.04 50.34 35.49
CA TYR A 256 -1.60 50.80 34.34
CA ASN A 257 -3.13 49.57 37.70
CA ILE A 258 -5.12 46.73 36.10
CA ALA A 259 -5.47 42.96 36.58
CA LEU A 260 -7.21 40.21 34.66
CA ARG A 261 -10.91 40.08 35.52
CA TRP A 262 -11.29 36.30 35.54
CA THR A 263 -8.66 34.68 37.81
CA ALA A 264 -9.99 31.18 36.94
CA LYS A 265 -9.91 31.96 33.20
CA GLN A 266 -6.50 33.51 32.55
CA LYS A 267 -5.81 34.07 28.84
CA LEU A 268 -2.07 34.45 29.41
CA TYR A 269 -1.74 33.97 25.64
CA SER A 270 -4.57 35.15 23.47
CA ARG A 271 -5.17 34.36 19.79
CA THR A 272 -5.55 37.11 17.23
CA GLY A 273 -9.25 38.04 17.40
CA GLU A 274 -9.74 36.89 20.99
CA SER A 275 -10.55 39.41 23.70
CA VAL A 276 -9.04 39.79 27.14
CA GLU A 277 -10.95 41.44 29.94
CA PHE A 278 -9.26 43.51 32.60
CA VAL A 279 -10.45 45.25 35.76
CA CYS A 280 -9.09 48.24 37.62
CA LYS A 281 -7.14 47.32 40.73
CA ARG A 282 -8.66 48.15 44.14
CA GLY A 283 -8.73 51.92 44.60
CA TYR A 284 -8.53 52.88 40.93
CA ARG A 285 -10.89 53.93 38.16
CA LEU A 286 -10.81 53.87 34.36
CA SER A 287 -8.91 56.96 33.17
CA SER A 288 -10.46 59.39 30.68
CA ARG A 289 -9.55 58.52 27.07
CA SER A 290 -8.70 54.93 28.27
CA HIS A 291 -9.36 51.99 26.00
CA THR A 292 -12.24 49.80 27.11
CA LEU A 293 -11.48 47.20 29.82
CA ARG A 294 -12.30 44.51 27.25
CA THR A 295 -9.70 44.57 24.50
CA THR A 296 -8.85 42.47 21.42
CA CYS A 297 -5.62 40.82 20.47
CA TRP A 298 -4.36 41.67 17.01
CA ASP A 299 -1.21 39.98 15.68
CA GLY A 300 0.75 40.32 18.95
CA LYS A 301 -0.64 43.68 20.06
CA LEU A 302 -3.08 44.32 22.89
CA GLU A 303 -4.13 47.93 23.56
CA TYR A 304 -4.34 47.99 27.33
CA PRO A 305 -6.75 50.13 29.37
CA THR A 306 -5.35 52.53 31.95
CA CYS A 307 -6.76 53.16 35.45
CA ALA A 308 -6.02 56.13 37.71
CA LYS A 309 -6.23 56.30 41.54
CA ARG A 310 -10.08 56.63 41.92
CA PRO A 311 -12.08 56.69 45.18
CA LEU A 312 -15.74 55.46 46.37
CA GLU A 313 -19.50 56.58 47.06
CA GLN A 314 -23.18 55.29 48.01
CA LYS A 315 -26.94 54.89 46.88
CA LEU A 316 -30.45 53.67 48.16
CA ILE A 317 -33.98 54.34 46.55
CA SER A 318 -37.47 52.95 46.22
CA GLU A 319 -41.10 53.93 44.90
CA GLU A 320 -44.89 53.30 45.72
CA ASP A 321 -48.35 53.98 43.94
CA LEU A 322 -51.85 54.51 45.63
CA ASN A 323 -55.30 53.78 44.10
CA SER A 324 -59.02 53.40 45.07
CA ALA A 325 -62.17 52.87 42.79
CA VAL A 326 -65.88 52.39 44.10
CA ASP A 327 -68.47 49.47 43.57
CA HIS A 328 -72.14 50.24 44.73
CA HIS A 329 -74.92 48.16 43.11
CA HIS A 330 -77.82 46.70 45.21
CA HIS A 331 -81.91 46.96 44.89
CA HIS A 332 -85.42 45.59 45.94
CA HIS A 333 -88.40 43.85 44.04
CA GLU A 1 36.83 -7.84 51.33
CA ALA A 2 34.59 -4.85 50.35
CA GLU A 3 37.12 -2.43 48.14
CA ALA A 4 36.15 -1.06 44.52
CA GLU A 5 37.27 0.71 41.44
CA PHE A 6 38.19 4.26 40.07
CA GLY A 7 35.94 6.81 38.16
CA LEU A 8 34.38 6.39 35.75
CA PRO A 9 36.82 7.65 33.05
CA CYS A 10 35.26 8.88 29.78
CA LYS A 11 35.84 7.19 26.42
CA SER A 12 35.15 8.53 22.91
CA PRO A 13 32.34 11.18 23.06
CA PRO A 14 29.04 10.14 21.33
CA GLU A 15 27.54 11.93 18.34
CA ILE A 16 25.47 15.09 18.86
CA SER A 17 22.10 16.41 17.58
CA HIS A 18 22.42 16.96 13.79
CA GLY A 19 26.06 17.83 14.45
CA VAL A 20 29.60 16.49 14.54
CA VAL A 21 32.86 16.99 16.37
CA ALA A 22 35.82 18.92 14.93
CA HIS A 23 38.39 17.76 17.50
CA MET A 24 38.20 13.99 17.21
CA SER A 25 41.00 12.81 19.52
CA ASP A 26 41.96 9.32 20.77
CA SER A 27 42.53 9.99 24.50
CA TYR A 28 39.59 11.34 26.55
CA GLN A 29 39.82 10.76 30.32
CA TYR A 30 38.44 13.36 32.80
CA GLY A 31 38.54 17.17 32.75
CA GLU A 32 38.23 17.54 28.97
CA GLU A 33 35.97 19.50 26.63
CA VAL A 34 34.89 18.84 23.01
CA THR A 35 33.55 20.85 20.05
CA TYR A 36 29.88 19.90 19.58
CA LYS A 37 29.27 21.87 16.35
CA CYS A 38 26.09 21.62 14.22
CA PHE A 39 25.94 21.04 10.43
CA GLU A 40 25.00 23.43 7.61
CA GLY A 41 21.21 23.64 7.30
CA PHE A 42 20.64 23.54 11.10
CA GLY A 43 20.33 26.78 13.07
CA ILE A 44 22.38 26.67 16.24
CA ASP A 45 21.18 27.87 19.61
CA GLY A 46 23.30 27.58 22.78
CA PRO A 47 27.07 27.02 22.94
CA ALA A 48 28.73 24.45 20.62
CA ILE A 49 30.77 22.40 23.16
CA ALA A 50 30.42 19.59 25.68
CA LYS A 51 32.39 18.49 28.78
CA CYS A 52 33.41 15.07 30.25
CA LEU A 53 31.46 14.01 33.34
CA GLY A 54 33.06 10.65 34.07
CA GLU A 55 31.04 8.38 31.77
CA LYS A 56 28.54 10.80 30.24
CA TRP A 57 29.13 14.13 28.51
CA SER A 58 27.72 17.54 29.53
CA HIS A 59 25.87 20.38 27.59
CA PRO A 60 24.51 19.12 24.31
CA PRO A 61 23.57 21.95 21.81
CA SER A 62 20.27 22.91 20.32
CA CYS A 63 20.65 22.53 16.55
CA ILE A 64 17.15 23.59 15.13
CA LYS A 65 16.28 25.82 11.91
CA THR A 66 14.20 29.05 12.66
CA ASP A 67 14.49 31.58 9.51
CA CYS A 68 11.05 32.96 7.85
CA LEU A 69 9.78 35.27 5.14
CA SER A 70 7.23 38.01 5.14
CA LEU A 71 3.97 36.53 6.31
CA PRO A 72 1.08 36.28 4.00
CA SER A 73 -1.82 38.56 4.67
CA PHE A 74 -4.75 36.65 5.92
CA GLU A 75 -8.35 36.91 4.94
CA ASN A 76 -9.72 40.22 6.14
CA ALA A 77 -6.60 41.11 7.99
CA ILE A 78 -3.31 42.96 7.69
CA PRO A 79 0.07 41.75 8.80
CA MET A 80 2.09 43.98 11.03
CA GLY A 81 5.71 43.86 11.98
CA GLU A 82 7.50 46.10 14.39
CA LYS A 83 10.69 45.70 12.52
CA LYS A 84 11.34 44.24 9.14
CA ASP A 85 9.15 41.67 7.57
CA VAL A 86 11.85 39.11 7.83
CA TYR A 87 11.68 37.72 11.30
CA LYS A 88 14.78 35.63 11.15
CA ALA A 89 14.00 32.55 13.16
CA GLY A 90 11.69 31.52 15.92
CA GLU A 91 10.08 34.86 16.56
CA GLN A 92 6.59 35.97 17.36
CA VAL A 93 4.69 37.66 14.62
CA THR A 94 1.50 39.43 15.42
CA TYR A 95 -1.15 40.00 12.80
CA THR A 96 -3.69 42.75 12.66
CA CYS A 97 -7.33 43.00 11.69
CA ALA A 98 -9.59 45.69 10.29
CA THR A 99 -11.59 48.04 12.49
CA TYR A 100 -14.43 45.69 13.22
CA TYR A 101 -12.66 42.34 13.49
CA LYS A 102 -10.92 40.30 16.17
CA MET A 103 -7.92 37.98 16.00
CA ASP A 104 -8.28 34.40 17.13
CA GLY A 105 -4.91 33.11 18.13
CA ALA A 106 -2.52 32.31 20.93
CA SER A 107 -0.92 35.71 21.14
CA ASN A 108 1.44 35.70 18.22
CA VAL A 109 2.32 33.34 15.45
CA THR A 110 5.45 31.32 15.93
CA CYS A 111 7.47 30.51 12.89
CA ILE A 112 10.20 27.98 13.34
CA ASN A 113 11.98 26.89 10.23
CA SER A 114 9.28 27.95 7.76
CA ARG A 115 6.27 26.75 9.68
CA TRP A 116 3.68 29.09 11.07
CA THR A 117 2.06 27.45 14.03
CA GLY A 118 -1.03 29.40 14.93
CA ARG A 119 -2.86 31.33 12.31
CA PRO A 120 -4.76 34.30 13.47
CA THR A 121 -8.18 34.63 11.97
CA CYS A 122 -10.22 37.76 11.84
CA ARG A 123 -13.38 35.54 12.60
CA ASP A 124 -16.92 37.17 12.71
CA THR A 125 -18.58 34.11 10.79
CA SER A 126 -22.58 34.28 11.14
CA CYS A 127 -24.73 31.31 9.68
CA VAL A 128 -26.89 29.07 7.58
CA ASN A 129 -28.21 25.56 7.90
CA PRO A 130 -25.26 23.29 7.86
CA PRO A 131 -24.52 20.94 5.08
CA THR A 132 -24.57 17.19 5.39
CA VAL A 133 -21.46 15.40 6.50
CA GLN A 134 -19.98 12.22 4.97
CA ASN A 135 -21.82 9.51 6.80
CA ALA A 136 -23.92 11.71 9.02
CA TYR A 137 -26.86 14.02 9.50
CA ILE A 138 -27.15 17.43 11.10
CA VAL A 139 -29.17 17.86 14.25
CA SER A 140 -30.35 21.16 15.50
CA ARG A 141 -32.18 23.00 18.18
CA GLN A 142 -35.31 24.97 17.70
CA MET A 143 -33.59 27.07 15.12
CA SER A 144 -32.35 25.56 11.91
CA LYS A 145 -30.29 28.59 11.16
CA TYR A 146 -27.90 29.35 13.90
CA PRO A 147 -27.09 32.98 14.40
CA SER A 148 -23.38 33.72 14.05
CA GLY A 149 -20.99 32.59 16.78
CA GLU A 150 -22.85 29.48 17.88
CA ARG A 151 -22.21 25.83 18.59
CA VAL A 152 -23.57 23.40 16.07
CA ARG A 153 -23.67 19.73 16.83
CA TYR A 154 -23.76 17.09 14.12
CA GLN A 155 -24.96 13.53 14.35
CA CYS A 156 -24.06 10.21 12.77
CA ARG A 157 -25.80 6.97 12.01
CA SER A 158 -26.14 4.40 14.75
CA PRO A 159 -22.96 2.67 13.65
CA TYR A 160 -20.66 5.67 13.78
CA GLU A 161 -19.01 8.12 16.14
CA MET A 162 -18.39 11.83 15.70
CA PHE A 163 -14.95 13.20 16.15
CA GLY A 164 -14.84 16.85 16.96
CA ASP A 165 -14.01 19.36 19.64
CA GLU A 166 -17.49 19.62 21.08
CA GLU A 167 -19.42 21.34 18.35
CA VAL A 168 -18.74 23.27 15.22
CA MET A 169 -18.20 26.95 15.59
CA CYS A 170 -19.29 29.19 12.80
CA LEU A 171 -17.92 32.70 13.00
CA ASN A 172 -19.39 34.85 10.25
CA GLY A 173 -19.59 32.10 7.65
CA ASN A 174 -16.67 29.91 8.64
CA TRP A 175 -17.22 26.47 10.09
CA THR A 176 -14.10 25.58 11.94
CA GLU A 177 -14.36 22.05 13.22
CA PRO A 178 -15.82 19.39 11.09
CA PRO A 179 -17.26 16.43 12.83
CA GLN A 180 -16.37 13.26 11.05
CA CYS A 181 -18.19 10.02 11.41
CA LYS A 182 -14.62 8.75 9.78
CA ASP A 183 -11.34 9.98 11.32
CA SER A 184 -7.80 8.25 10.90
CA THR A 185 -6.23 5.12 12.30
CA GLY A 186 -2.99 3.40 11.34
CA LYS A 187 -5.81 0.84 11.62
CA CYS A 188 -7.02 -0.98 8.45
CA GLY A 189 -10.50 -2.04 7.25
CA PRO A 190 -11.39 -5.41 5.81
CA PRO A 191 -8.81 -6.99 3.50
CA PRO A 192 -9.30 -6.78 -0.27
CA PRO A 193 -10.75 -9.63 -2.35
CA ILE A 194 -8.44 -11.02 -5.04
CA ASP A 195 -9.46 -12.95 -8.12
CA ASN A 196 -9.42 -16.71 -7.74
CA GLY A 197 -8.17 -16.58 -4.13
CA ASP A 198 -9.50 -16.13 -0.65
CA ILE A 199 -8.23 -15.08 2.80
CA THR A 200 -7.79 -17.90 5.24
CA SER A 201 -9.51 -16.23 8.25
CA PHE A 202 -12.86 -14.61 8.89
CA PRO A 203 -12.76 -10.92 7.89
CA LEU A 204 -12.97 -8.31 10.64
CA SER A 205 -14.29 -4.77 10.45
CA VAL A 206 -11.04 -3.26 11.74
CA TYR A 207 -7.45 -4.37 12.15
CA ALA A 208 -4.70 -2.98 14.33
CA PRO A 209 -1.47 -1.87 12.81
CA ALA A 210 0.95 -4.82 12.39
CA SER A 211 -1.97 -7.29 11.96
CA SER A 212 -1.69 -9.72 9.09
CA VAL A 213 -3.91 -12.03 7.06
CA GLU A 214 -3.03 -14.67 4.45
CA TYR A 215 -4.45 -15.69 1.10
CA GLN A 216 -4.78 -19.05 -0.60
CA CYS A 217 -5.41 -19.46 -4.32
CA GLN A 218 -8.12 -21.80 -5.63
CA ASN A 219 -6.98 -25.28 -6.43
CA LEU A 220 -5.39 -25.15 -9.92
CA TYR A 221 -4.20 -21.54 -9.46
CA GLN A 222 -0.63 -20.86 -8.41
CA LEU A 223 -0.02 -18.14 -5.77
CA GLU A 224 2.65 -15.73 -6.99
CA GLY A 225 4.61 -13.85 -4.32
CA ASN A 226 4.05 -13.51 -0.61
CA LYS A 227 0.71 -14.95 0.63
CA ARG A 228 0.66 -12.57 3.65
CA ILE A 229 -0.59 -9.00 3.76
CA THR A 230 0.14 -6.73 6.70
CA CYS A 231 -1.65 -3.62 7.97
CA ARG A 232 0.61 -0.58 8.36
CA ASN A 233 -0.10 3.13 8.44
CA GLY A 234 -3.74 2.62 7.57
CA GLN A 235 -3.14 0.46 4.45
CA TRP A 236 -2.76 -3.23 3.64
CA SER A 237 0.37 -4.31 1.82
CA GLU A 238 0.07 -5.71 -1.70
CA PRO A 239 -1.76 -9.03 -2.02
CA PRO A 240 -0.32 -11.96 -4.07
CA LYS A 241 -1.64 -12.85 -7.57
CA CYS A 242 -3.30 -16.18 -8.43
CA LEU A 243 -1.75 -17.27 -11.70
CA HIS A 244 -4.13 -18.96 -14.12
CA PRO A 245 -4.05 -22.66 -15.18
CA CYS A 246 -3.96 -23.51 -18.91
CA VAL A 247 -6.70 -25.50 -20.67
CA ILE A 248 -5.85 -27.69 -23.68
CA SER A 249 -7.44 -26.46 -26.94
CA ARG A 250 -8.93 -29.09 -29.25
CA GLU A 251 -9.03 -26.67 -32.19
CA ILE A 252 -5.36 -25.58 -31.83
CA MET A 253 -4.20 -29.19 -31.45
CA GLU A 254 -6.23 -30.24 -34.54
CA ASN A 255 -4.81 -27.25 -36.51
CA TYR A 256 -1.19 -27.97 -35.45
CA ASN A 257 -1.45 -31.80 -36.03
CA ILE A 258 -0.56 -32.71 -32.44
CA ALA A 259 -2.06 -34.81 -29.62
CA LEU A 260 -1.23 -35.32 -25.97
CA ARG A 261 1.57 -37.85 -25.56
CA TRP A 262 0.20 -39.61 -22.47
CA THR A 263 -3.41 -40.72 -23.03
CA ALA A 264 -3.58 -42.14 -19.46
CA LYS A 265 -2.16 -38.91 -17.99
CA GLN A 266 -4.16 -36.11 -19.60
CA LYS A 267 -3.36 -32.69 -18.10
CA LEU A 268 -6.53 -31.12 -19.52
CA TYR A 269 -5.88 -28.26 -17.08
CA SER A 270 -2.29 -27.50 -16.19
CA ARG A 271 -1.02 -25.30 -13.36
CA THR A 272 1.30 -22.39 -14.03
CA GLY A 273 4.77 -23.95 -14.08
CA GLU A 274 3.59 -27.42 -15.08
CA SER A 275 4.56 -28.88 -18.45
CA VAL A 276 2.41 -30.62 -21.01
CA GLU A 277 3.90 -33.03 -23.49
CA PHE A 278 2.58 -33.39 -27.01
CA VAL A 279 3.39 -35.68 -29.92
CA CYS A 280 3.00 -35.22 -33.65
CA LYS A 281 0.00 -37.02 -35.09
CA ARG A 282 0.62 -40.06 -37.34
CA GLY A 283 2.21 -38.90 -40.59
CA TYR A 284 3.57 -35.58 -39.33
CA ARG A 285 6.87 -34.19 -38.09
CA LEU A 286 7.93 -31.25 -35.92
CA SER A 287 8.06 -28.13 -38.13
CA SER A 288 11.19 -25.99 -38.33
CA ARG A 289 11.14 -23.13 -35.79
CA SER A 290 8.47 -25.10 -33.80
CA HIS A 291 8.41 -24.89 -30.02
CA THR A 292 9.54 -28.05 -28.28
CA LEU A 293 6.92 -30.83 -27.91
CA ARG A 294 7.22 -30.37 -24.13
CA THR A 295 5.88 -26.96 -23.19
CA THR A 296 5.17 -25.03 -19.96
CA CYS A 297 2.00 -23.39 -18.81
CA TRP A 298 2.36 -19.76 -17.80
CA ASP A 299 -0.63 -17.89 -16.38
CA GLY A 300 -3.14 -19.30 -18.91
CA LYS A 301 -0.81 -19.45 -21.92
CA LEU A 302 0.67 -22.56 -23.50
CA GLU A 303 2.95 -22.10 -26.53
CA TYR A 304 2.01 -25.09 -28.66
CA PRO A 305 4.38 -26.96 -31.00
CA THR A 306 3.47 -27.26 -34.67
CA CYS A 307 3.87 -30.39 -36.85
CA ALA A 308 3.87 -30.54 -40.64
CA LYS A 309 2.95 -33.51 -42.90
CA ARG A 310 6.29 -35.35 -42.65
CA PRO A 311 7.51 -39.03 -44.20
CA LEU A 312 10.76 -40.86 -43.03
CA GLU A 313 10.35 -44.31 -45.10
CA GLN A 314 13.16 -46.47 -46.77
CA LYS A 315 15.14 -49.81 -47.09
CA LEU A 316 19.15 -49.99 -46.98
CA ILE A 317 20.56 -52.43 -49.71
CA SER A 318 23.87 -54.30 -49.53
CA GLU A 319 25.18 -57.49 -51.73
CA GLU A 320 28.74 -59.00 -52.31
CA ASP A 321 30.03 -59.86 -55.91
CA LEU A 322 32.26 -63.09 -56.46
CA ASN A 323 32.81 -66.88 -55.33
CA SER A 324 35.29 -69.57 -56.19
CA ALA A 325 35.84 -73.46 -56.63
CA VAL A 326 39.13 -75.58 -57.52
CA ASP A 327 40.44 -79.23 -58.45
CA HIS A 328 43.51 -81.53 -59.48
CA HIS A 329 44.17 -85.58 -59.92
CA HIS A 330 46.82 -88.59 -60.03
CA HIS A 331 48.44 -91.40 -62.54
CA HIS A 332 50.26 -94.82 -61.93
CA HIS A 333 52.76 -97.51 -63.36
CA GLU A 1 -11.72 4.87 23.05
CA ALA A 2 -12.52 7.28 21.30
CA GLU A 3 -12.37 9.22 17.89
CA ALA A 4 -13.22 12.80 16.46
CA GLU A 5 -12.68 12.96 12.49
CA PHE A 6 -14.85 14.88 9.91
CA GLY A 7 -14.10 15.90 6.46
CA LEU A 8 -15.05 17.74 4.44
CA PRO A 9 -17.53 15.50 2.51
CA CYS A 10 -18.22 16.47 -1.13
CA LYS A 11 -21.62 17.59 -2.40
CA SER A 12 -22.87 17.83 -6.00
CA PRO A 13 -19.87 18.33 -8.39
CA PRO A 14 -19.75 21.79 -10.12
CA GLU A 15 -20.00 22.30 -13.88
CA ILE A 16 -16.89 21.87 -16.06
CA SER A 17 -15.22 23.84 -18.89
CA HIS A 18 -17.62 23.85 -21.89
CA GLY A 19 -18.73 20.40 -20.72
CA VAL A 20 -21.30 18.49 -18.70
CA VAL A 21 -21.61 15.39 -16.58
CA ALA A 22 -23.19 12.14 -17.81
CA HIS A 23 -23.48 10.47 -14.40
CA MET A 24 -25.52 13.01 -12.42
CA SER A 25 -26.12 11.22 -9.11
CA ASP A 26 -27.61 12.44 -5.80
CA SER A 27 -25.11 10.99 -3.28
CA TYR A 28 -21.46 12.10 -3.54
CA GLN A 29 -19.38 11.70 -0.36
CA TYR A 30 -15.66 10.76 -0.53
CA GLY A 31 -13.79 8.33 -2.81
CA GLU A 32 -15.93 8.94 -5.90
CA GLU A 33 -15.23 9.82 -9.53
CA VAL A 34 -17.38 11.65 -12.14
CA THR A 35 -17.57 11.90 -15.95
CA TYR A 36 -16.36 15.38 -16.94
CA LYS A 37 -17.16 15.14 -20.68
CA CYS A 38 -16.96 18.08 -23.14
CA PHE A 39 -19.68 19.13 -25.62
CA GLU A 40 -19.80 18.83 -29.42
CA GLY A 41 -17.83 21.68 -31.02
CA PHE A 42 -15.06 21.57 -28.37
CA GLY A 43 -11.92 19.49 -28.94
CA ILE A 44 -10.99 17.49 -25.87
CA ASP A 45 -7.49 17.14 -24.51
CA GLY A 46 -6.71 15.20 -21.32
CA PRO A 47 -8.95 12.61 -19.63
CA ALA A 48 -12.71 13.29 -19.27
CA ILE A 49 -13.21 12.59 -15.51
CA ALA A 50 -12.79 14.20 -12.10
CA LYS A 51 -12.36 12.87 -8.52
CA CYS A 52 -13.71 13.96 -5.08
CA LEU A 53 -11.14 15.65 -2.82
CA GLY A 54 -13.26 16.38 0.24
CA GLU A 55 -14.85 19.70 -0.77
CA LYS A 56 -13.25 20.37 -4.15
CA TRP A 57 -13.01 18.13 -7.20
CA SER A 58 -9.81 16.94 -8.95
CA HIS A 59 -8.63 16.91 -12.67
CA PRO A 60 -10.69 19.26 -14.78
CA PRO A 61 -10.39 18.61 -18.59
CA SER A 62 -9.07 20.80 -21.35
CA CYS A 63 -11.97 21.33 -23.76
CA ILE A 64 -10.93 25.33 -23.66
CA LYS A 65 -7.24 26.13 -24.98
CA THR A 66 -4.04 27.35 -23.35
CA ASP A 67 -1.60 28.03 -26.43
CA CYS A 68 2.18 29.35 -26.61
CA LEU A 69 4.77 31.63 -28.15
CA SER A 70 8.22 31.02 -29.46
CA LEU A 71 10.26 29.54 -26.65
CA PRO A 72 13.09 31.43 -25.16
CA SER A 73 16.53 30.15 -25.88
CA PHE A 74 18.06 28.66 -22.84
CA GLU A 75 21.52 29.09 -21.48
CA ASN A 76 23.99 27.42 -23.81
CA ALA A 77 21.31 25.97 -25.98
CA ILE A 78 19.28 26.57 -29.12
CA PRO A 79 15.58 26.07 -29.53
CA MET A 80 14.41 23.96 -32.40
CA GLY A 81 11.00 23.57 -33.90
CA GLU A 82 10.00 21.24 -36.68
CA LYS A 83 7.33 23.58 -37.77
CA LYS A 84 6.68 27.13 -36.82
CA ASP A 85 7.74 28.59 -33.55
CA VAL A 86 4.19 28.95 -32.47
CA TYR A 87 3.13 25.63 -31.11
CA LYS A 88 -0.50 26.40 -30.63
CA ALA A 89 -1.48 24.58 -27.50
CA GLY A 90 -0.38 21.62 -25.51
CA GLU A 91 2.41 20.47 -27.76
CA GLN A 92 5.85 19.07 -27.17
CA VAL A 93 8.71 21.35 -27.87
CA THR A 94 12.18 19.95 -28.01
CA TYR A 95 15.21 22.10 -27.36
CA THR A 96 18.68 21.63 -28.68
CA CYS A 97 22.18 22.04 -27.29
CA ALA A 98 25.58 22.86 -28.69
CA THR A 99 28.01 20.21 -29.87
CA TYR A 100 29.36 19.29 -26.47
CA TYR A 101 26.27 19.58 -24.28
CA LYS A 102 23.40 17.36 -23.20
CA MET A 103 19.76 18.16 -22.48
CA ASP A 104 18.31 17.30 -19.11
CA GLY A 105 14.60 16.92 -19.45
CA ALA A 106 11.67 14.57 -19.76
CA SER A 107 11.72 14.29 -23.51
CA ASN A 108 10.12 17.51 -24.61
CA VAL A 109 8.78 20.58 -22.93
CA THR A 110 5.04 20.72 -22.52
CA CYS A 111 3.41 24.08 -22.74
CA ILE A 112 -0.18 24.25 -21.71
CA ASN A 113 -1.71 27.67 -21.57
CA SER A 114 1.54 29.63 -21.35
CA ARG A 115 3.36 27.41 -18.89
CA TRP A 116 6.44 25.46 -19.81
CA THR A 117 6.64 22.45 -17.57
CA GLY A 118 10.07 20.95 -17.91
CA ARG A 119 12.99 23.09 -18.86
CA PRO A 120 15.77 21.42 -20.64
CA THR A 121 19.19 22.38 -19.43
CA CYS A 122 22.38 21.95 -21.31
CA ARG A 123 21.99 23.53 -18.02
CA ASP A 124 20.96 27.28 -16.97
CA THR A 125 22.59 30.35 -15.28
CA SER A 126 21.98 31.38 -11.45
CA CYS A 127 24.06 34.54 -10.07
CA VAL A 128 24.93 38.19 -9.88
CA ASN A 129 28.08 40.17 -9.36
CA PRO A 130 29.29 39.39 -5.94
CA PRO A 131 29.29 41.84 -3.14
CA THR A 132 32.41 43.19 -1.50
CA VAL A 133 33.91 41.29 1.39
CA GLN A 134 35.19 42.79 4.67
CA ASN A 135 38.73 43.71 3.82
CA ALA A 136 38.74 42.49 0.26
CA TYR A 137 37.77 42.95 -3.36
CA ILE A 138 36.14 40.62 -5.84
CA VAL A 139 38.07 39.45 -8.85
CA SER A 140 36.46 37.92 -11.85
CA ARG A 141 36.99 36.40 -15.22
CA GLN A 142 35.74 37.77 -18.44
CA MET A 143 32.23 37.70 -17.11
CA SER A 144 31.25 39.82 -14.17
CA LYS A 145 28.07 37.90 -13.71
CA TYR A 146 28.71 34.26 -13.24
CA PRO A 147 26.05 31.95 -14.55
CA SER A 148 24.61 29.71 -11.86
CA GLY A 149 26.71 26.86 -10.48
CA GLU A 150 30.12 28.45 -10.87
CA ARG A 151 33.26 29.07 -8.89
CA VAL A 152 33.86 32.62 -7.82
CA ARG A 153 37.19 33.64 -6.43
CA TYR A 154 37.62 36.66 -4.17
CA GLN A 155 40.73 38.66 -3.49
CA CYS A 156 42.19 40.58 -0.59
CA ARG A 157 44.57 43.46 -0.10
CA SER A 158 48.28 42.79 -0.18
CA PRO A 159 48.39 42.39 3.57
CA TYR A 160 45.73 39.72 3.89
CA GLU A 161 44.96 36.10 3.10
CA MET A 162 41.71 34.53 1.97
CA PHE A 163 40.30 31.62 3.85
CA GLY A 164 37.93 29.52 1.86
CA ASP A 165 37.46 26.13 0.28
CA GLU A 166 38.75 27.08 -3.14
CA GLU A 167 36.11 29.42 -4.44
CA VAL A 168 32.59 30.42 -3.62
CA MET A 169 29.87 28.33 -5.12
CA CYS A 170 26.64 30.01 -5.98
CA LEU A 171 23.79 27.64 -6.67
CA ASN A 172 20.71 29.55 -7.80
CA GLY A 173 21.31 32.59 -5.63
CA ASN A 174 23.09 31.07 -2.66
CA TRP A 175 26.74 31.78 -1.99
CA THR A 176 27.98 29.01 0.18
CA GLU A 177 31.55 29.72 1.19
CA PRO A 178 32.58 33.15 2.14
CA PRO A 179 36.20 33.98 1.75
CA GLN A 180 37.42 36.00 4.66
CA CYS A 181 40.47 38.14 4.65
CA LYS A 182 39.41 38.09 8.65
CA ASP A 183 37.85 34.61 9.45
CA SER A 184 37.87 32.99 13.03
CA THR A 185 38.63 29.51 14.44
CA GLY A 186 36.75 28.47 17.81
CA LYS A 187 33.85 26.98 15.82
CA CYS A 188 32.23 23.72 17.02
CA GLY A 189 30.88 20.66 15.14
CA PRO A 190 27.58 18.95 15.81
CA PRO A 191 26.57 18.63 19.48
CA PRO A 192 27.10 15.30 21.26
CA PRO A 193 24.32 12.76 21.80
CA ILE A 194 23.51 11.96 25.44
CA ASP A 195 21.79 8.86 26.75
CA ASN A 196 18.03 9.17 27.17
CA GLY A 197 17.96 12.82 26.00
CA ASP A 198 17.89 14.81 22.82
CA ILE A 199 18.74 18.34 21.63
CA THR A 200 15.75 20.55 21.00
CA SER A 201 16.88 21.94 17.60
CA PHE A 202 18.01 20.46 14.31
CA PRO A 203 21.77 19.76 14.38
CA LEU A 204 24.03 21.85 12.18
CA SER A 205 27.39 20.94 10.68
CA VAL A 206 29.14 23.92 12.26
CA TYR A 207 28.45 26.39 15.03
CA ALA A 208 29.95 29.79 15.71
CA PRO A 209 31.59 30.51 18.99
CA ALA A 210 29.02 31.59 21.62
CA SER A 211 26.26 29.49 19.95
CA SER A 212 24.20 27.34 22.25
CA VAL A 213 21.85 24.37 22.07
CA GLU A 214 19.62 22.78 24.71
CA TYR A 215 18.77 19.24 25.73
CA GLN A 216 15.59 17.66 27.00
CA CYS A 217 15.47 14.29 28.77
CA GLN A 218 12.96 11.61 27.76
CA ASN A 219 9.75 11.62 29.68
CA LEU A 220 10.43 9.77 32.98
CA TYR A 221 14.10 10.88 33.08
CA GLN A 222 15.10 13.86 35.18
CA LEU A 223 17.58 16.35 33.68
CA GLU A 224 20.43 17.00 36.13
CA GLY A 225 22.24 20.32 35.81
CA ASN A 226 22.14 22.96 33.12
CA LYS A 227 20.18 21.95 29.97
CA ARG A 228 22.22 24.36 27.78
CA ILE A 229 25.58 23.73 26.16
CA THR A 230 27.62 26.54 24.63
CA CYS A 231 30.33 26.51 21.97
CA ARG A 232 33.58 28.20 23.05
CA ASN A 233 37.15 27.86 21.84
CA GLY A 234 36.27 24.98 19.56
CA GLN A 235 34.54 22.83 22.22
CA TRP A 236 31.02 22.38 23.59
CA SER A 237 30.52 22.78 27.32
CA GLU A 238 29.46 19.77 29.37
CA PRO A 239 25.99 18.39 28.64
CA PRO A 240 23.49 17.59 31.45
CA LYS A 241 22.78 13.98 32.61
CA CYS A 242 19.39 12.28 32.33
CA LEU A 243 18.83 10.57 35.66
CA HIS A 244 17.12 7.21 35.46
CA PRO A 245 13.59 6.37 36.74
CA CYS A 246 13.13 3.43 39.16
CA VAL A 247 11.01 0.37 38.33
CA ILE A 248 9.25 -1.56 41.12
CA SER A 249 10.60 -5.11 41.60
CA ARG A 250 8.05 -7.88 42.18
CA GLU A 251 10.73 -10.27 43.47
CA ILE A 252 12.23 -7.78 45.98
CA MET A 253 8.77 -6.81 47.25
CA GLU A 254 7.79 -10.51 47.63
CA ASN A 255 11.12 -11.22 49.43
CA TYR A 256 10.75 -8.21 51.79
CA ASN A 257 6.99 -8.87 52.53
CA ILE A 258 5.84 -5.45 51.28
CA ALA A 259 3.30 -4.12 48.76
CA LEU A 260 2.53 -0.69 47.35
CA ARG A 261 0.34 1.29 49.73
CA TRP A 262 -1.89 2.94 47.11
CA THR A 263 -3.37 0.33 44.75
CA ALA A 264 -5.15 3.08 42.75
CA LYS A 265 -1.94 5.13 42.49
CA GLN A 266 0.74 2.66 41.40
CA LYS A 267 4.07 4.37 40.60
CA LEU A 268 5.36 1.35 38.68
CA TYR A 269 8.02 3.71 37.31
CA SER A 270 9.13 6.57 39.51
CA ARG A 271 11.16 9.62 38.49
CA THR A 272 14.39 10.49 40.26
CA GLY A 273 13.29 12.52 43.29
CA GLU A 274 9.82 10.98 43.49
CA SER A 275 8.84 8.85 46.48
CA VAL A 276 7.12 5.50 46.56
CA GLU A 277 5.17 4.38 49.59
CA PHE A 278 5.01 0.78 50.68
CA VAL A 279 3.14 -1.10 53.39
CA CYS A 280 3.92 -4.31 55.20
CA LYS A 281 1.92 -7.28 53.97
CA ARG A 282 -0.77 -8.74 56.27
CA GLY A 283 0.89 -10.38 59.26
CA TYR A 284 4.21 -8.53 59.07
CA ARG A 285 5.86 -5.56 60.73
CA LEU A 286 8.69 -3.17 59.83
CA SER A 287 12.00 -4.84 60.72
CA SER A 288 14.53 -3.10 62.99
CA ARG A 289 17.08 -1.08 60.99
CA SER A 290 14.61 -1.09 58.02
CA HIS A 291 14.43 1.90 55.72
CA THR A 292 11.26 3.94 56.09
CA LEU A 293 8.17 2.66 54.24
CA ARG A 294 8.28 5.87 52.18
CA THR A 295 11.38 5.85 50.01
CA THR A 296 12.86 8.03 47.24
CA CYS A 297 13.97 7.07 43.79
CA TRP A 298 17.50 8.13 42.90
CA ASP A 299 18.84 7.48 39.40
CA GLY A 300 17.39 3.96 39.13
CA LYS A 301 17.83 2.93 42.77
CA LEU A 302 15.10 2.52 45.36
CA GLU A 303 16.15 1.46 48.89
CA TYR A 304 13.30 -0.84 49.87
CA PRO A 305 11.99 -1.31 53.42
CA THR A 306 11.95 -4.80 54.91
CA CYS A 307 9.13 -6.33 57.01
CA ALA A 308 9.36 -9.37 59.27
CA LYS A 309 6.54 -11.75 60.35
CA ARG A 310 7.29 -13.90 63.42
CA PRO A 311 10.70 -15.75 63.92
CA LEU A 312 11.81 -19.01 65.87
CA GLU A 313 14.84 -20.07 68.13
CA GLN A 314 16.57 -23.54 69.07
CA LYS A 315 18.10 -25.79 71.80
CA LEU A 316 21.24 -28.29 72.44
CA ILE A 317 21.98 -31.86 73.64
CA SER A 318 23.99 -32.80 76.73
CA GLU A 319 23.21 -36.16 78.74
CA GLU A 320 25.55 -38.84 80.74
CA ASP A 321 27.29 -42.24 80.30
CA LEU A 322 27.97 -45.80 82.00
CA ASN A 323 31.08 -48.26 81.42
CA SER A 324 32.10 -51.37 83.50
CA ALA A 325 34.62 -54.41 83.13
CA VAL A 326 35.61 -58.26 83.86
CA ASP A 327 37.81 -60.84 85.52
CA HIS A 328 36.77 -64.15 87.41
CA HIS A 329 38.11 -66.57 90.06
CA HIS A 330 36.79 -70.29 90.23
CA HIS A 331 36.62 -72.67 93.31
CA HIS A 332 38.57 -76.05 93.46
CA HIS A 333 39.52 -79.06 95.81
CA GLU A 1 26.25 -44.54 45.50
CA ALA A 2 25.54 -43.53 42.41
CA GLU A 3 25.43 -40.37 40.02
CA ALA A 4 28.54 -39.24 37.82
CA GLU A 5 27.75 -36.98 34.68
CA PHE A 6 29.20 -35.79 31.42
CA GLY A 7 29.48 -32.46 29.88
CA LEU A 8 27.56 -30.82 28.47
CA PRO A 9 28.53 -31.53 24.80
CA CYS A 10 27.61 -28.82 22.26
CA LYS A 11 25.14 -29.36 19.42
CA SER A 12 24.60 -27.24 16.28
CA PRO A 13 25.71 -23.61 16.96
CA PRO A 14 22.85 -21.02 16.99
CA GLU A 15 22.54 -18.12 14.53
CA ILE A 16 24.52 -14.92 15.12
CA SER A 17 23.75 -11.16 15.05
CA HIS A 18 22.84 -10.22 11.43
CA GLY A 19 25.29 -12.93 10.35
CA VAL A 20 25.65 -16.55 9.30
CA VAL A 21 28.10 -19.41 9.51
CA ALA A 22 30.31 -20.49 6.59
CA HIS A 23 31.41 -23.82 8.10
CA MET A 24 28.09 -25.55 8.77
CA SER A 25 29.16 -29.02 9.96
CA ASP A 26 27.15 -31.90 11.47
CA SER A 27 29.41 -32.94 14.39
CA TYR A 28 30.13 -30.32 17.09
CA GLN A 29 31.24 -31.72 20.47
CA TYR A 30 33.80 -29.86 22.65
CA GLY A 31 36.97 -27.96 21.70
CA GLU A 32 35.67 -26.60 18.39
CA GLU A 33 35.46 -23.16 16.78
CA VAL A 34 33.05 -21.73 14.16
CA THR A 35 33.00 -18.88 11.63
CA TYR A 36 30.55 -16.23 12.90
CA LYS A 37 30.67 -13.94 9.83
CA CYS A 38 28.34 -10.94 9.28
CA PHE A 39 26.32 -10.20 6.11
CA GLU A 40 26.80 -7.51 3.46
CA GLY A 41 25.32 -4.20 4.67
CA PHE A 42 26.51 -4.71 8.27
CA GLY A 43 29.84 -3.27 9.42
CA ILE A 44 31.82 -5.78 11.45
CA ASP A 45 33.66 -4.99 14.64
CA GLY A 46 35.50 -7.65 16.66
CA PRO A 47 36.63 -11.07 15.40
CA ALA A 48 34.27 -13.20 13.26
CA ILE A 49 34.39 -16.55 15.15
CA ALA A 50 32.92 -18.32 18.16
CA LYS A 51 34.03 -21.26 20.37
CA CYS A 52 32.19 -24.22 22.03
CA LEU A 53 31.74 -23.91 25.80
CA GLY A 54 29.88 -27.14 26.55
CA GLU A 55 26.30 -26.10 25.83
CA LYS A 56 26.68 -22.41 24.95
CA TRP A 57 28.99 -20.76 22.42
CA SER A 58 31.65 -18.10 23.12
CA HIS A 59 32.48 -14.63 21.50
CA PRO A 60 29.61 -13.37 19.43
CA PRO A 61 30.59 -10.55 16.95
CA SER A 62 29.45 -6.97 16.75
CA CYS A 63 27.82 -6.56 13.34
CA ILE A 64 27.08 -2.85 13.99
CA LYS A 65 30.04 -0.51 12.58
CA THR A 66 31.29 3.08 13.24
CA ASP A 67 32.78 5.44 10.41
CA CYS A 68 35.31 8.42 9.58
CA LEU A 69 34.12 11.71 8.13
CA SER A 70 35.36 13.78 5.27
CA LEU A 71 38.96 14.65 5.95
CA PRO A 72 39.97 18.16 6.63
CA SER A 73 41.98 19.86 3.97
CA PHE A 74 45.49 20.37 5.09
CA GLU A 75 47.67 23.39 4.76
CA ASN A 76 48.51 23.95 1.11
CA ALA A 77 46.87 20.77 0.02
CA ILE A 78 43.64 19.31 -1.30
CA PRO A 79 41.97 16.14 -0.16
CA MET A 80 41.05 13.60 -2.75
CA GLY A 81 38.80 10.61 -2.56
CA GLU A 82 38.15 8.09 -5.25
CA LYS A 83 34.72 7.46 -3.95
CA LYS A 84 32.70 9.36 -1.45
CA ASP A 85 34.23 11.44 1.25
CA VAL A 86 32.98 9.09 3.87
CA TYR A 87 35.45 6.28 4.07
CA LYS A 88 33.52 4.09 6.41
CA ALA A 89 36.13 2.47 8.60
CA GLY A 90 39.76 1.60 8.46
CA GLU A 91 40.45 2.73 4.94
CA GLN A 92 43.32 4.49 3.28
CA VAL A 93 42.79 8.07 2.35
CA THR A 94 45.23 9.77 0.11
CA TYR A 95 45.66 13.52 0.12
CA THR A 96 46.80 15.71 -2.70
CA CYS A 97 49.01 18.75 -3.01
CA ALA A 98 49.25 21.73 -5.33
CA THR A 99 51.40 21.72 -8.46
CA TYR A 100 54.66 22.49 -6.76
CA TYR A 101 54.35 20.57 -3.51
CA LYS A 102 55.07 17.07 -2.26
CA MET A 103 53.29 14.90 0.30
CA ASP A 104 55.19 13.59 3.27
CA GLY A 105 53.49 10.50 4.53
CA ALA A 106 53.43 6.74 4.66
CA SER A 107 51.37 6.22 1.55
CA ASN A 108 47.89 6.97 2.73
CA VAL A 109 46.28 8.12 5.92
CA THR A 110 44.69 5.42 7.99
CA CYS A 111 41.61 6.33 9.93
CA ILE A 112 40.44 3.82 12.46
CA ASN A 113 37.60 4.89 14.66
CA SER A 114 38.01 8.64 14.15
CA ARG A 115 41.76 8.83 14.37
CA TRP A 116 43.92 9.80 11.44
CA THR A 117 47.30 8.25 11.90
CA GLY A 118 49.68 9.84 9.45
CA ARG A 119 49.09 13.34 8.26
CA PRO A 120 50.41 14.17 4.91
CA THR A 121 52.13 17.51 4.71
CA CYS A 122 52.78 19.45 1.58
CA ARG A 123 52.24 22.98 0.58
CA ASP A 124 49.28 24.34 2.88
CA THR A 125 48.18 27.67 4.74
CA SER A 126 49.21 31.06 3.29
CA CYS A 127 47.45 34.20 4.96
CA VAL A 128 47.60 36.47 7.95
CA ASN A 129 45.23 37.46 10.69
CA PRO A 130 42.42 39.27 9.08
CA PRO A 131 41.77 42.91 9.52
CA THR A 132 38.77 44.34 11.25
CA VAL A 133 35.64 44.99 9.23
CA GLN A 134 33.46 48.12 9.37
CA ASN A 135 31.10 47.34 12.20
CA ALA A 136 32.41 43.91 13.02
CA TYR A 137 35.03 41.70 14.61
CA ILE A 138 36.91 38.71 13.30
CA VAL A 139 36.36 35.31 14.84
CA SER A 140 38.69 32.45 14.38
CA ARG A 141 39.39 28.85 15.14
CA GLN A 142 42.31 27.57 17.07
CA MET A 143 44.63 29.25 14.65
CA SER A 144 44.68 33.00 14.30
CA LYS A 145 46.63 32.77 11.12
CA TYR A 146 44.90 30.70 8.57
CA PRO A 147 47.14 28.81 6.20
CA SER A 148 46.51 29.71 2.58
CA GLY A 149 43.34 28.50 0.88
CA GLU A 150 41.06 28.51 3.90
CA ARG A 151 37.65 29.73 4.95
CA VAL A 152 37.60 32.64 7.32
CA ARG A 153 34.42 33.64 9.03
CA TYR A 154 33.83 37.14 10.36
CA GLN A 155 31.42 38.27 13.02
CA CYS A 156 29.36 41.36 13.73
CA ARG A 157 27.90 43.05 16.76
CA SER A 158 24.61 41.79 18.14
CA PRO A 159 22.68 44.32 16.11
CA TYR A 160 24.08 43.42 12.70
CA GLU A 161 24.11 40.70 10.07
CA MET A 162 26.97 39.54 7.87
CA PHE A 163 26.51 39.39 4.17
CA GLY A 164 28.87 37.06 2.42
CA ASP A 165 29.09 33.86 0.48
CA GLU A 166 29.84 31.62 3.44
CA GLU A 167 33.29 32.68 4.48
CA VAL A 168 36.15 34.64 3.07
CA MET A 169 38.59 32.78 0.94
CA CYS A 170 42.16 33.86 0.97
CA LEU A 171 44.25 32.44 -1.82
CA ASN A 172 47.88 33.44 -1.40
CA GLY A 173 47.20 36.86 0.07
CA ASN A 174 43.92 37.74 -1.58
CA TRP A 175 40.71 37.94 0.41
CA THR A 176 37.93 37.55 -2.03
CA GLU A 177 34.63 38.02 -0.25
CA PRO A 178 34.24 40.68 2.30
CA PRO A 179 31.57 40.17 4.87
CA GLN A 180 29.74 43.36 5.54
CA CYS A 181 27.74 44.08 8.60
CA LYS A 182 24.38 46.01 8.95
CA ASP A 183 21.26 44.71 11.30
CA SER A 184 19.07 44.80 14.50
CA THR A 185 15.22 44.86 14.66
CA GLY A 186 11.89 42.99 13.93
CA LYS A 187 13.04 39.45 14.81
CA CYS A 188 10.41 36.81 15.74
CA GLY A 189 10.38 34.01 18.35
CA PRO A 190 9.27 30.44 17.76
CA PRO A 191 6.22 30.00 15.52
CA PRO A 192 2.81 29.35 17.10
CA PRO A 193 1.28 25.88 17.40
CA ILE A 194 -2.04 25.40 15.58
CA ASP A 195 -4.65 22.76 16.30
CA ASN A 196 -4.36 19.62 14.20
CA GLY A 197 -1.35 20.92 12.23
CA ASP A 198 2.38 21.19 12.56
CA ILE A 199 5.25 23.25 11.09
CA THR A 200 7.36 21.42 8.56
CA SER A 201 10.79 22.48 9.96
CA PHE A 202 12.51 22.33 13.33
CA PRO A 203 11.60 25.37 15.42
CA LEU A 204 14.30 27.94 16.16
CA SER A 205 14.61 30.30 19.10
CA VAL A 206 14.78 33.38 16.89
CA TYR A 207 13.98 34.26 13.29
CA ALA A 208 15.19 37.15 11.18
CA PRO A 209 12.70 39.44 9.56
CA ALA A 210 11.48 38.04 6.21
CA SER A 211 11.99 34.42 7.42
CA SER A 212 9.14 32.05 6.76
CA VAL A 213 7.91 28.64 7.94
CA GLU A 214 5.13 26.42 6.62
CA TYR A 215 2.40 24.32 8.19
CA GLN A 216 0.85 21.02 7.22
CA CYS A 217 -2.47 19.77 8.57
CA GLN A 218 -2.86 16.22 9.93
CA ASN A 219 -4.03 13.69 7.44
CA LEU A 220 -7.85 14.04 7.23
CA TYR A 221 -7.75 17.80 8.00
CA GLN A 222 -7.90 20.28 5.15
CA LEU A 223 -5.58 23.32 5.32
CA GLU A 224 -7.56 26.52 4.74
CA GLY A 225 -5.64 29.51 3.37
CA ASN A 226 -1.94 30.09 2.94
CA LYS A 227 0.30 27.42 4.54
CA ARG A 228 3.19 29.91 4.94
CA ILE A 229 3.76 32.37 7.75
CA THR A 230 6.34 35.13 7.52
CA CYS A 231 8.17 37.10 10.19
CA ARG A 232 7.84 40.90 9.83
CA ASN A 233 8.21 43.73 12.30
CA GLY A 234 8.55 41.35 15.21
CA GLN A 235 5.38 39.33 14.51
CA TRP A 236 4.44 36.23 12.53
CA SER A 237 1.67 36.55 9.96
CA GLU A 238 -1.58 34.66 10.49
CA PRO A 239 -1.33 30.86 10.35
CA PRO A 240 -3.77 28.74 8.26
CA LYS A 241 -6.67 26.77 9.87
CA CYS A 242 -6.98 22.97 9.74
CA LEU A 243 -10.60 22.30 8.86
CA HIS A 244 -12.13 19.30 10.60
CA PRO A 245 -13.23 16.01 8.94
CA CYS A 246 -16.80 14.74 9.48
CA VAL A 247 -17.59 11.41 11.18
CA ILE A 248 -20.75 9.49 10.22
CA SER A 249 -23.30 9.25 13.08
CA ARG A 250 -25.03 5.90 13.58
CA GLU A 251 -27.76 7.47 15.75
CA ILE A 252 -28.59 10.28 13.24
CA MET A 253 -28.66 7.81 10.34
CA GLU A 254 -30.93 5.42 12.31
CA ASN A 255 -33.21 8.38 13.27
CA TYR A 256 -33.39 9.72 9.68
CA ASN A 257 -33.91 6.20 8.08
CA ILE A 258 -30.82 6.42 5.86
CA ALA A 259 -27.70 4.32 5.19
CA LEU A 260 -24.53 4.86 3.21
CA ARG A 261 -25.09 4.14 -0.47
CA TRP A 262 -21.75 2.45 -1.16
CA THR A 263 -21.12 -0.37 1.35
CA ALA A 264 -17.72 -1.11 -0.27
CA LYS A 265 -16.73 2.58 -0.17
CA GLN A 266 -17.56 3.75 3.34
CA LYS A 267 -16.35 7.30 4.04
CA LEU A 268 -16.64 6.86 7.80
CA TYR A 269 -14.52 10.01 8.06
CA SER A 270 -14.83 12.57 5.30
CA ARG A 271 -12.52 15.52 4.60
CA THR A 272 -13.87 19.05 4.43
CA GLY A 273 -15.07 19.41 0.82
CA GLU A 274 -15.69 15.69 0.28
CA SER A 275 -19.21 14.40 -0.30
CA VAL A 276 -20.95 11.46 1.28
CA GLU A 277 -23.82 9.74 -0.46
CA PHE A 278 -26.72 8.24 1.41
CA VAL A 279 -29.77 6.21 0.42
CA CYS A 280 -33.16 5.83 2.04
CA LYS A 281 -33.58 2.60 3.94
CA ARG A 282 -35.95 -0.06 2.52
CA GLY A 283 -39.53 1.22 2.77
CA TYR A 284 -38.73 4.92 3.01
CA ARG A 285 -38.61 7.93 0.71
CA LEU A 286 -36.87 11.31 0.75
CA SER A 287 -38.94 13.70 2.88
CA SER A 288 -40.12 17.05 1.52
CA ARG A 289 -37.66 19.87 2.32
CA SER A 290 -34.93 17.18 2.88
CA HIS A 291 -31.34 17.92 1.95
CA THR A 292 -30.12 16.02 -1.08
CA LEU A 293 -28.95 12.43 -0.50
CA ARG A 294 -25.47 13.56 -1.59
CA THR A 295 -24.09 15.96 0.98
CA THR A 296 -20.78 17.76 1.63
CA CYS A 297 -18.64 17.79 4.70
CA TRP A 298 -17.74 21.24 5.99
CA ASP A 299 -15.40 21.59 8.97
CA GLY A 300 -16.99 18.76 10.98
CA LYS A 301 -20.60 19.30 9.89
CA LEU A 302 -22.62 17.12 7.55
CA GLU A 303 -26.23 18.16 6.80
CA TYR A 304 -27.98 14.81 6.64
CA PRO A 305 -30.98 14.01 4.42
CA THR A 306 -34.16 12.73 6.06
CA CYS A 307 -36.40 9.91 4.75
CA ALA A 308 -40.00 9.18 5.75
CA LYS A 309 -41.87 5.83 5.60
CA ARG A 310 -45.54 5.07 5.12
CA PRO A 311 -48.87 5.07 7.37
CA LEU A 312 -50.24 1.70 7.88
CA GLU A 313 -53.32 -0.16 6.33
CA GLN A 314 -56.70 1.92 6.86
CA LYS A 315 -59.80 0.15 5.43
CA LEU A 316 -63.29 -0.48 6.97
CA ILE A 317 -65.90 -3.48 6.98
CA SER A 318 -69.18 -4.40 4.93
CA GLU A 319 -72.40 -6.53 6.32
CA GLU A 320 -75.92 -7.98 5.62
CA ASP A 321 -79.48 -7.78 7.57
CA LEU A 322 -82.52 -10.05 6.56
CA ASN A 323 -85.44 -11.27 9.03
CA SER A 324 -89.08 -12.96 9.76
CA ALA A 325 -92.53 -12.48 11.57
CA VAL A 326 -94.84 -15.47 12.83
CA ASP A 327 -98.53 -17.02 12.65
CA HIS A 328 -102.13 -15.36 13.73
CA HIS A 329 -105.25 -16.51 15.75
CA HIS A 330 -108.67 -18.47 15.87
CA HIS A 331 -112.50 -17.56 15.79
CA HIS A 332 -115.91 -19.74 15.86
CA HIS A 333 -119.95 -19.23 16.14
CA GLU A 1 16.64 -31.91 47.30
CA ALA A 2 17.46 -28.16 45.91
CA GLU A 3 16.66 -25.64 43.04
CA ALA A 4 19.10 -24.21 40.17
CA GLU A 5 18.10 -21.23 38.08
CA PHE A 6 19.52 -21.53 34.44
CA GLY A 7 19.66 -17.91 32.95
CA LEU A 8 21.48 -16.47 31.21
CA PRO A 9 22.15 -13.29 33.31
CA CYS A 10 23.20 -10.17 31.37
CA LYS A 11 26.60 -8.51 31.76
CA SER A 12 27.71 -5.01 30.66
CA PRO A 13 25.52 -3.83 27.69
CA PRO A 14 27.39 -3.50 24.34
CA GLU A 15 27.83 -0.23 22.45
CA ILE A 16 25.02 1.06 20.20
CA SER A 17 24.76 2.48 16.66
CA HIS A 18 26.67 5.81 16.59
CA GLY A 19 25.57 6.24 20.21
CA VAL A 20 26.57 5.77 23.82
CA VAL A 21 25.06 5.01 27.19
CA ALA A 22 24.44 7.67 29.86
CA HIS A 23 23.76 5.24 32.73
CA MET A 24 26.92 3.14 32.78
CA SER A 25 26.43 0.93 35.86
CA ASP A 26 28.41 -2.07 37.16
CA SER A 27 25.58 -4.50 38.04
CA TYR A 28 23.26 -5.62 35.20
CA GLN A 29 21.38 -8.90 35.83
CA TYR A 30 17.81 -9.43 34.50
CA GLY A 31 14.83 -7.04 34.33
CA GLU A 32 16.88 -3.89 33.64
CA GLU A 33 16.77 -1.11 31.04
CA VAL A 34 19.51 1.18 29.69
CA THR A 35 19.75 4.58 27.94
CA TYR A 36 20.79 3.94 24.32
CA LYS A 37 21.23 7.60 23.29
CA CYS A 38 22.74 8.75 19.95
CA PHE A 39 25.52 11.35 19.50
CA GLU A 40 25.38 14.91 18.13
CA GLY A 41 25.40 14.84 14.32
CA PHE A 42 23.14 11.75 14.12
CA GLY A 43 19.37 12.15 13.77
CA ILE A 44 17.51 9.83 16.09
CA ASP A 45 14.48 7.78 15.12
CA GLY A 46 12.77 5.37 17.54
CA PRO A 47 13.11 5.34 21.34
CA ALA A 48 16.56 5.78 22.96
CA ILE A 49 16.62 2.77 25.36
CA ALA A 50 17.28 -0.96 25.44
CA LYS A 51 16.23 -3.84 27.76
CA CYS A 52 18.02 -6.95 29.15
CA LEU A 53 16.96 -10.25 27.56
CA GLY A 54 19.16 -12.69 29.46
CA GLU A 55 22.37 -12.51 27.40
CA LYS A 56 21.39 -10.13 24.60
CA TRP A 57 19.83 -6.67 24.79
CA SER A 58 16.52 -5.53 23.26
CA HIS A 59 15.48 -2.49 21.03
CA PRO A 60 18.48 -0.85 19.47
CA PRO A 61 17.80 2.72 18.12
CA SER A 62 17.96 4.10 14.63
CA CYS A 63 20.57 6.86 14.70
CA ILE A 64 20.31 8.23 10.99
CA LYS A 65 22.95 10.68 9.93
CA THR A 66 22.49 12.58 6.67
CA ASP A 67 25.58 14.65 5.67
CA CYS A 68 27.50 15.57 2.30
CA LEU A 69 29.54 14.61 -0.74
CA SER A 70 32.94 15.65 -1.92
CA LEU A 71 32.94 19.39 -2.30
CA PRO A 72 33.27 20.97 -5.65
CA SER A 73 36.49 22.72 -6.37
CA PHE A 74 35.99 26.40 -6.51
CA GLU A 75 37.30 28.88 -8.98
CA ASN A 76 41.05 29.19 -8.58
CA ALA A 77 41.13 26.99 -5.55
CA ILE A 78 41.64 23.41 -4.40
CA PRO A 79 39.56 21.55 -1.89
CA MET A 80 41.34 19.88 0.95
CA GLY A 81 40.15 17.31 3.41
CA GLU A 82 42.05 15.92 6.32
CA LYS A 83 40.22 12.68 6.07
CA LYS A 84 38.00 11.37 3.35
CA ASP A 85 36.11 13.57 1.02
CA VAL A 86 32.87 12.46 2.50
CA TYR A 87 32.30 14.53 5.57
CA LYS A 88 29.30 12.73 6.85
CA ALA A 89 27.12 15.42 8.36
CA GLY A 90 27.50 18.82 9.85
CA GLU A 91 31.25 19.09 9.63
CA GLN A 92 33.63 21.86 8.79
CA VAL A 93 35.32 21.66 5.46
CA THR A 94 38.20 23.92 4.72
CA TYR A 95 39.14 24.84 1.19
CA THR A 96 42.53 25.80 -0.11
CA CYS A 97 43.84 28.33 -2.61
CA ALA A 98 46.81 28.58 -4.91
CA THR A 99 50.09 30.16 -3.86
CA TYR A 100 49.05 33.74 -4.44
CA TYR A 101 45.42 33.70 -3.34
CA LYS A 102 43.46 34.14 -0.13
CA MET A 103 40.26 32.51 1.10
CA ASP A 104 37.31 34.68 2.03
CA GLY A 105 35.15 32.81 4.44
CA ALA A 106 34.11 32.26 8.03
CA SER A 107 36.73 29.69 8.86
CA ASN A 108 35.34 26.57 7.29
CA VAL A 109 32.34 25.66 5.22
CA THR A 110 29.49 24.08 7.10
CA CYS A 111 27.46 21.51 5.28
CA ILE A 112 24.28 20.44 6.95
CA ASN A 113 22.05 18.16 4.96
CA SER A 114 23.49 18.98 1.53
CA ARG A 115 23.80 22.71 1.94
CA TRP A 116 27.13 24.48 1.99
CA THR A 117 26.74 27.64 3.96
CA GLY A 118 29.78 29.80 3.36
CA ARG A 119 31.69 29.49 0.17
CA PRO A 120 35.29 30.36 0.31
CA THR A 121 36.50 32.45 -2.56
CA CYS A 122 40.05 32.84 -3.64
CA ARG A 123 38.43 33.98 -7.46
CA ASP A 124 38.02 31.74 -10.74
CA THR A 125 35.68 32.37 -13.95
CA SER A 126 35.58 28.71 -14.87
CA CYS A 127 33.13 26.70 -17.38
CA VAL A 128 33.32 24.31 -20.29
CA ASN A 129 31.69 24.05 -23.66
CA PRO A 130 28.05 23.50 -23.05
CA PRO A 131 26.29 20.31 -23.83
CA THR A 132 23.62 19.95 -26.45
CA VAL A 133 20.04 20.62 -25.51
CA GLN A 134 17.00 18.50 -26.45
CA ASN A 135 16.05 19.87 -29.80
CA ALA A 136 18.71 22.52 -30.05
CA TYR A 137 22.30 23.51 -30.67
CA ILE A 138 24.68 25.70 -28.72
CA VAL A 139 25.88 28.94 -30.22
CA SER A 140 28.85 30.80 -28.94
CA ARG A 141 31.01 33.83 -29.29
CA GLN A 142 34.63 33.83 -30.18
CA MET A 143 35.35 31.60 -27.26
CA SER A 144 33.90 28.13 -27.06
CA LYS A 145 34.77 27.86 -23.44
CA TYR A 146 33.24 30.61 -21.45
CA PRO A 147 35.20 31.72 -18.44
CA SER A 148 33.24 31.39 -15.21
CA GLY A 149 30.38 33.78 -14.51
CA GLU A 150 29.26 34.38 -18.08
CA ARG A 151 26.13 34.40 -20.17
CA VAL A 152 25.72 31.53 -22.55
CA ARG A 153 23.05 31.63 -25.19
CA TYR A 154 21.65 28.49 -26.79
CA GLN A 155 19.90 28.12 -30.10
CA CYS A 156 17.17 25.94 -31.54
CA ARG A 157 16.17 24.67 -34.94
CA SER A 158 14.15 26.92 -37.19
CA PRO A 159 10.91 25.42 -35.95
CA TYR A 160 11.45 26.01 -32.25
CA GLU A 161 11.70 28.72 -29.62
CA MET A 162 13.98 28.93 -26.61
CA PHE A 163 12.53 29.50 -23.22
CA GLY A 164 14.93 30.94 -20.74
CA ASP A 165 15.74 33.99 -18.69
CA GLU A 166 18.08 35.57 -21.19
CA GLU A 167 21.06 33.27 -21.16
CA VAL A 168 22.44 30.50 -19.05
CA MET A 169 24.64 31.51 -16.19
CA CYS A 170 27.40 29.21 -15.17
CA LEU A 171 28.94 29.98 -11.83
CA ASN A 172 31.89 27.71 -11.17
CA GLY A 173 30.48 24.67 -12.92
CA ASN A 174 26.76 25.16 -12.39
CA TRP A 175 24.46 25.99 -15.26
CA THR A 176 21.41 27.54 -13.77
CA GLU A 177 18.87 28.16 -16.49
CA PRO A 178 18.30 25.65 -19.15
CA PRO A 179 16.92 26.89 -22.38
CA GLN A 180 14.34 24.55 -23.72
CA CYS A 181 13.22 24.38 -27.27
CA LYS A 182 9.86 22.71 -25.67
CA ASP A 183 6.18 23.06 -24.50
CA SER A 184 4.92 19.72 -25.95
CA THR A 185 3.44 16.17 -25.55
CA GLY A 186 -0.21 14.95 -25.05
CA LYS A 187 1.56 14.01 -21.78
CA CYS A 188 -0.57 13.38 -18.63
CA GLY A 189 -0.01 14.24 -14.94
CA PRO A 190 -0.53 11.90 -12.03
CA PRO A 191 -3.55 9.58 -12.26
CA PRO A 192 -6.74 10.47 -10.35
CA PRO A 193 -7.65 8.91 -7.00
CA ILE A 194 -10.91 6.94 -6.95
CA ASP A 195 -13.01 6.11 -3.92
CA ASN A 196 -12.28 2.75 -2.34
CA GLY A 197 -9.61 1.84 -4.92
CA ASP A 198 -5.97 2.44 -5.61
CA ILE A 199 -3.55 2.34 -8.57
CA THR A 200 -1.25 -0.64 -8.61
CA SER A 201 2.00 1.26 -9.38
CA PHE A 202 3.85 4.19 -7.86
CA PRO A 203 2.52 7.48 -9.26
CA LEU A 204 4.77 9.52 -11.51
CA SER A 205 4.80 13.26 -12.11
CA VAL A 206 4.37 12.89 -15.87
CA TYR A 207 3.30 10.17 -18.28
CA ALA A 208 3.91 9.83 -21.99
CA PRO A 209 1.02 9.45 -24.34
CA ALA A 210 -0.09 5.79 -24.61
CA SER A 211 1.08 5.06 -21.01
CA SER A 212 -1.35 3.17 -18.84
CA VAL A 213 -1.95 2.44 -15.17
CA GLU A 214 -4.38 0.04 -13.46
CA TYR A 215 -6.65 0.23 -10.45
CA GLN A 216 -7.65 -2.34 -7.87
CA CYS A 217 -10.67 -1.96 -5.59
CA GLN A 218 -10.40 -2.56 -1.83
CA ASN A 219 -11.23 -6.03 -0.72
CA LEU A 220 -15.05 -6.24 -0.49
CA TYR A 221 -15.56 -3.71 -3.32
CA GLN A 222 -16.24 -4.93 -6.83
CA LEU A 223 -14.45 -3.16 -9.71
CA GLU A 224 -16.95 -2.17 -12.39
CA GLY A 225 -15.63 -1.78 -15.93
CA ASN A 226 -12.11 -1.68 -17.26
CA LYS A 227 -9.38 -1.50 -14.56
CA ARG A 228 -6.93 0.23 -16.95
CA ILE A 229 -6.68 3.92 -17.74
CA THR A 230 -4.61 5.21 -20.63
CA CYS A 231 -3.03 8.61 -21.28
CA ARG A 232 -4.00 10.15 -24.63
CA ASN A 233 -4.02 13.71 -25.88
CA GLY A 234 -3.17 15.08 -22.46
CA GLN A 235 -5.98 13.31 -20.56
CA TRP A 236 -6.47 10.00 -18.76
CA SER A 237 -9.34 7.79 -19.85
CA GLU A 238 -12.21 7.15 -17.44
CA PRO A 239 -11.33 5.15 -14.32
CA PRO A 240 -13.47 2.17 -13.16
CA LYS A 241 -15.93 2.43 -10.21
CA CYS A 242 -15.60 0.42 -6.98
CA LEU A 243 -19.08 -0.86 -6.25
CA HIS A 244 -20.03 -0.92 -2.58
CA PRO A 245 -20.62 -4.05 -0.43
CA CYS A 246 -23.89 -4.39 1.51
CA VAL A 247 -24.06 -4.62 5.32
CA ILE A 248 -26.88 -6.56 7.01
CA SER A 249 -29.24 -4.34 9.04
CA ARG A 250 -30.37 -5.65 12.44
CA GLU A 251 -33.23 -3.13 12.63
CA ILE A 252 -34.61 -3.94 9.13
CA MET A 253 -34.38 -7.70 9.80
CA GLU A 254 -36.15 -7.28 13.19
CA ASN A 255 -38.84 -5.09 11.52
CA TYR A 256 -39.39 -7.55 8.64
CA ASN A 257 -39.38 -10.70 10.90
CA ILE A 258 -36.46 -12.37 9.09
CA ALA A 259 -33.07 -13.83 10.04
CA LEU A 260 -30.10 -15.12 8.07
CA ARG A 261 -30.67 -18.70 6.94
CA TRP A 262 -27.13 -19.97 7.49
CA THR A 263 -25.94 -19.16 11.04
CA ALA A 264 -22.52 -20.76 10.30
CA LYS A 265 -22.17 -18.80 7.05
CA GLN A 266 -23.04 -15.21 7.94
CA LYS A 267 -22.42 -12.78 5.06
CA LEU A 268 -22.48 -9.75 7.36
CA TYR A 269 -20.91 -7.85 4.45
CA SER A 270 -21.75 -8.99 0.96
CA ARG A 271 -20.00 -8.02 -2.28
CA THR A 272 -21.93 -6.48 -5.15
CA GLY A 273 -23.31 -9.48 -7.06
CA GLU A 274 -23.32 -11.83 -4.07
CA SER A 275 -26.59 -13.15 -2.68
CA VAL A 276 -27.76 -13.33 0.91
CA GLU A 277 -30.37 -15.83 1.97
CA PHE A 278 -32.90 -15.11 4.67
CA VAL A 279 -35.60 -17.13 6.39
CA CYS A 280 -38.81 -16.09 8.08
CA LYS A 281 -38.60 -16.07 11.86
CA ARG A 282 -40.55 -18.74 13.79
CA GLY A 283 -44.27 -18.08 13.44
CA TYR A 284 -44.10 -15.98 10.27
CA ARG A 285 -44.58 -16.47 6.54
CA LEU A 286 -43.43 -14.66 3.40
CA SER A 287 -45.79 -11.74 2.78
CA SER A 288 -47.57 -11.31 -0.58
CA ARG A 289 -45.59 -9.09 -2.98
CA SER A 290 -42.42 -9.81 -0.86
CA HIS A 291 -39.05 -10.06 -2.54
CA THR A 292 -37.64 -13.57 -2.65
CA LEU A 293 -35.87 -14.80 0.51
CA ARG A 294 -32.68 -15.00 -1.56
CA THR A 295 -31.62 -11.51 -2.55
CA THR A 296 -28.63 -9.89 -4.32
CA CYS A 297 -26.40 -7.11 -3.16
CA TRP A 298 -26.05 -4.23 -5.60
CA ASP A 299 -23.70 -1.35 -4.80
CA GLY A 300 -24.71 -1.10 -1.12
CA LYS A 301 -28.40 -1.96 -1.53
CA LEU A 302 -30.11 -5.18 -0.51
CA GLU A 303 -33.87 -5.48 -1.18
CA TYR A 304 -35.03 -7.38 1.89
CA PRO A 305 -37.95 -9.85 1.96
CA THR A 306 -40.79 -9.22 4.38
CA CYS A 307 -42.59 -11.89 6.50
CA ALA A 308 -45.96 -11.56 8.21
CA LYS A 309 -47.26 -13.44 11.29
CA ARG A 310 -48.80 -16.95 10.39
CA PRO A 311 -49.51 -20.48 12.30
CA LEU A 312 -50.64 -24.10 11.56
CA GLU A 313 -52.94 -26.92 13.32
CA GLN A 314 -54.63 -30.49 12.91
CA LYS A 315 -55.42 -33.96 14.94
CA LEU A 316 -58.00 -36.86 15.12
CA ILE A 317 -59.15 -39.34 17.82
CA SER A 318 -61.96 -41.92 19.12
CA GLU A 319 -62.03 -43.76 22.72
CA GLU A 320 -63.59 -47.32 23.39
CA ASP A 321 -64.29 -49.64 26.46
CA LEU A 322 -65.19 -53.43 27.05
CA ASN A 323 -66.58 -56.32 29.45
CA SER A 324 -66.07 -60.15 30.18
CA ALA A 325 -68.05 -62.06 33.15
CA VAL A 326 -69.36 -65.80 32.43
CA ASP A 327 -68.87 -68.34 35.45
CA HIS A 328 -70.02 -72.03 36.12
CA HIS A 329 -71.11 -72.72 39.64
CA HIS A 330 -73.82 -75.73 40.40
CA HIS A 331 -73.64 -77.34 44.18
CA HIS A 332 -76.57 -79.45 45.86
CA HIS A 333 -75.21 -82.40 48.14
CA GLU A 1 -19.43 -79.25 -32.90
CA ALA A 2 -19.54 -75.81 -34.54
CA GLU A 3 -21.30 -74.58 -37.68
CA ALA A 4 -19.49 -72.06 -39.84
CA GLU A 5 -18.42 -70.79 -43.44
CA PHE A 6 -17.42 -67.28 -44.73
CA GLY A 7 -18.12 -65.26 -47.93
CA LEU A 8 -19.82 -63.80 -49.76
CA PRO A 9 -18.80 -65.37 -53.13
CA CYS A 10 -19.34 -63.21 -56.24
CA LYS A 11 -21.76 -64.13 -59.03
CA SER A 12 -21.98 -62.71 -62.58
CA PRO A 13 -20.52 -59.14 -62.64
CA PRO A 14 -23.10 -56.34 -63.32
CA GLU A 15 -23.02 -54.05 -66.36
CA ILE A 16 -20.74 -50.99 -66.36
CA SER A 17 -21.11 -47.28 -67.27
CA HIS A 18 -21.80 -47.08 -71.05
CA GLY A 19 -19.60 -50.17 -71.39
CA VAL A 20 -19.59 -53.95 -71.62
CA VAL A 21 -17.46 -56.91 -70.67
CA ALA A 22 -15.27 -58.81 -73.15
CA HIS A 23 -14.58 -61.82 -70.91
CA MET A 24 -18.08 -63.03 -70.07
CA SER A 25 -17.42 -66.25 -68.11
CA ASP A 26 -19.76 -68.54 -66.13
CA SER A 27 -17.72 -69.11 -62.94
CA TYR A 28 -16.83 -66.05 -60.82
CA GLN A 29 -15.98 -66.77 -57.16
CA TYR A 30 -13.32 -64.71 -55.30
CA GLY A 31 -9.93 -63.38 -56.45
CA GLU A 32 -10.99 -62.65 -60.04
CA GLU A 33 -10.78 -59.65 -62.36
CA VAL A 34 -12.94 -58.62 -65.35
CA THR A 35 -12.60 -56.39 -68.44
CA TYR A 36 -14.80 -53.32 -67.91
CA LYS A 37 -14.35 -51.77 -71.39
CA CYS A 38 -16.33 -48.76 -72.70
CA PHE A 39 -18.15 -48.55 -76.06
CA GLU A 40 -17.31 -46.55 -79.20
CA GLY A 41 -18.49 -42.95 -78.81
CA PHE A 42 -17.47 -42.76 -75.12
CA GLY A 43 -14.06 -41.43 -74.12
CA ILE A 44 -12.41 -43.60 -71.51
CA ASP A 45 -10.61 -42.31 -68.44
CA GLY A 46 -9.12 -44.62 -65.81
CA PRO A 47 -8.31 -48.32 -66.23
CA ALA A 48 -10.81 -50.64 -68.00
CA ILE A 49 -11.10 -53.49 -65.44
CA ALA A 50 -12.85 -54.42 -62.19
CA LYS A 51 -12.13 -56.89 -59.36
CA CYS A 52 -14.31 -59.22 -57.21
CA LEU A 53 -14.86 -58.06 -53.62
CA GLY A 54 -17.06 -60.86 -52.29
CA GLU A 55 -20.50 -59.67 -53.42
CA LYS A 56 -19.70 -56.32 -55.05
CA TRP A 57 -17.15 -55.48 -57.73
CA SER A 58 -14.25 -52.99 -57.49
CA HIS A 59 -13.01 -50.06 -59.75
CA PRO A 60 -15.67 -49.02 -62.20
CA PRO A 61 -14.32 -46.90 -65.17
CA SER A 62 -15.07 -43.37 -66.20
CA CYS A 63 -16.53 -43.57 -69.70
CA ILE A 64 -16.90 -39.76 -70.65
CA LYS A 65 -20.42 -38.80 -71.61
CA THR A 66 -21.78 -35.12 -70.97
CA ASP A 67 -20.84 -31.30 -71.73
CA CYS A 68 -22.90 -28.15 -70.22
CA LEU A 69 -22.40 -24.43 -69.73
CA SER A 70 -22.53 -22.24 -66.70
CA LEU A 71 -25.94 -22.65 -65.14
CA PRO A 72 -28.36 -19.82 -65.11
CA SER A 73 -29.04 -18.26 -61.77
CA PHE A 74 -32.48 -19.06 -60.61
CA GLU A 75 -35.05 -16.82 -59.08
CA ASN A 76 -33.89 -15.77 -55.63
CA ALA A 77 -30.90 -18.01 -55.71
CA ILE A 78 -27.21 -18.13 -56.54
CA PRO A 79 -25.43 -20.83 -58.44
CA MET A 80 -22.39 -22.37 -56.87
CA GLY A 81 -19.71 -24.53 -58.35
CA GLU A 82 -16.83 -26.12 -56.54
CA LYS A 83 -14.71 -25.97 -59.61
CA LYS A 84 -15.26 -24.13 -62.82
CA ASP A 85 -18.64 -23.24 -64.10
CA VAL A 86 -18.26 -25.61 -66.96
CA TYR A 87 -19.22 -29.00 -65.67
CA LYS A 88 -18.24 -30.97 -68.69
CA ALA A 89 -20.81 -33.71 -68.94
CA GLY A 90 -23.15 -35.57 -66.70
CA GLU A 91 -22.17 -33.96 -63.44
CA GLN A 92 -24.07 -32.82 -60.41
CA VAL A 93 -24.46 -29.13 -59.98
CA THR A 94 -25.70 -27.79 -56.73
CA TYR A 95 -27.40 -24.42 -56.49
CA THR A 96 -27.51 -22.12 -53.54
CA CYS A 97 -30.13 -19.87 -51.98
CA ALA A 98 -30.13 -16.68 -49.97
CA THR A 99 -30.04 -16.64 -46.18
CA TYR A 100 -33.71 -17.25 -45.64
CA TYR A 101 -34.55 -19.65 -48.46
CA LYS A 102 -34.51 -23.39 -49.04
CA MET A 103 -33.76 -25.43 -52.17
CA ASP A 104 -36.34 -27.84 -53.46
CA GLY A 105 -34.62 -30.49 -55.48
CA ALA A 106 -33.27 -34.01 -55.61
CA SER A 107 -29.83 -33.22 -54.29
CA ASN A 108 -28.12 -31.73 -57.29
CA VAL A 109 -29.06 -30.89 -60.82
CA THR A 110 -28.01 -33.37 -63.43
CA CYS A 111 -27.09 -32.03 -66.81
CA ILE A 112 -26.66 -34.55 -69.54
CA ASN A 113 -26.10 -33.19 -72.98
CA SER A 114 -27.51 -29.71 -72.35
CA ARG A 115 -30.53 -30.69 -70.32
CA TRP A 116 -30.92 -29.80 -66.68
CA THR A 117 -33.15 -32.34 -65.07
CA GLY A 118 -34.19 -31.04 -61.69
CA ARG A 119 -34.37 -27.35 -61.07
CA PRO A 120 -33.84 -26.24 -57.58
CA THR A 121 -36.25 -23.60 -56.41
CA CYS A 122 -35.74 -21.31 -53.51
CA ARG A 123 -39.02 -21.35 -51.63
CA ASP A 124 -39.12 -19.15 -48.29
CA THR A 125 -41.89 -19.76 -45.68
CA SER A 126 -43.45 -17.24 -43.12
CA CYS A 127 -43.76 -18.31 -39.19
CA VAL A 128 -42.38 -18.80 -35.73
CA ASN A 129 -42.22 -21.63 -33.28
CA PRO A 130 -45.71 -22.46 -32.33
CA PRO A 131 -47.14 -21.86 -28.96
CA THR A 132 -48.24 -24.58 -26.59
CA VAL A 133 -51.77 -25.86 -26.83
CA GLN A 134 -54.14 -26.55 -23.91
CA ASN A 135 -53.23 -30.06 -22.93
CA ALA A 136 -50.59 -30.67 -25.54
CA TYR A 137 -47.08 -30.13 -26.81
CA ILE A 138 -45.76 -29.08 -30.20
CA VAL A 139 -43.73 -31.49 -32.24
CA SER A 140 -41.60 -30.45 -35.12
CA ARG A 141 -39.30 -31.56 -37.84
CA GLN A 142 -35.71 -30.62 -38.19
CA MET A 143 -36.68 -26.99 -38.18
CA SER A 144 -38.31 -25.42 -35.17
CA LYS A 145 -39.32 -22.43 -37.17
CA TYR A 146 -41.39 -23.35 -40.11
CA PRO A 147 -41.03 -21.12 -43.12
CA SER A 148 -44.33 -19.57 -44.18
CA GLY A 149 -46.96 -21.74 -45.83
CA GLU A 150 -46.18 -25.00 -44.07
CA ARG A 151 -47.91 -27.78 -42.22
CA VAL A 152 -47.35 -27.89 -38.51
CA ARG A 153 -48.40 -30.88 -36.51
CA TYR A 154 -49.11 -30.71 -32.80
CA GLN A 155 -49.07 -33.49 -30.26
CA CYS A 156 -50.94 -34.37 -27.10
CA ARG A 157 -50.28 -36.36 -23.97
CA SER A 158 -50.78 -40.10 -24.06
CA PRO A 159 -54.32 -39.75 -22.80
CA TYR A 160 -55.59 -37.34 -25.44
CA GLU A 161 -56.42 -37.06 -29.12
CA MET A 162 -55.85 -34.15 -31.48
CA PHE A 163 -58.71 -32.80 -33.47
CA GLY A 164 -57.68 -30.93 -36.56
CA ASP A 165 -57.72 -31.01 -40.31
CA GLU A 166 -54.34 -32.63 -40.74
CA GLU A 167 -51.94 -29.97 -39.59
CA VAL A 168 -51.98 -26.29 -38.87
CA MET A 169 -51.36 -24.00 -41.76
CA CYS A 170 -49.62 -20.76 -41.11
CA LEU A 171 -49.82 -18.27 -43.93
CA ASN A 172 -47.74 -15.21 -43.16
CA GLY A 173 -48.38 -15.22 -39.43
CA ASN A 174 -51.84 -16.73 -39.26
CA TRP A 175 -52.40 -20.18 -37.81
CA THR A 176 -55.65 -21.39 -39.16
CA GLU A 177 -56.51 -24.70 -37.58
CA PRO A 178 -55.93 -25.27 -33.96
CA PRO A 179 -55.49 -28.79 -32.87
CA GLN A 180 -57.29 -29.43 -29.65
CA CYS A 181 -56.57 -32.22 -27.29
CA LYS A 182 -56.98 -30.82 -23.61
CA ASP A 183 -58.90 -28.79 -21.05
CA SER A 184 -56.88 -25.53 -20.10
CA THR A 185 -56.11 -25.79 -16.42
CA GLY A 186 -54.63 -24.89 -12.87
CA LYS A 187 -51.64 -26.91 -14.19
CA CYS A 188 -48.10 -25.48 -13.79
CA GLY A 189 -45.04 -25.53 -16.08
CA PRO A 190 -41.50 -26.35 -15.03
CA PRO A 191 -40.42 -25.00 -11.63
CA PRO A 192 -38.27 -21.86 -11.46
CA PRO A 193 -34.50 -21.94 -11.01
CA ILE A 194 -33.19 -20.20 -7.87
CA ASP A 195 -29.71 -18.89 -7.29
CA ASN A 196 -27.36 -21.29 -5.55
CA GLY A 197 -30.02 -24.02 -5.21
CA ASP A 198 -31.57 -26.80 -7.20
CA ILE A 199 -34.77 -28.87 -7.23
CA THR A 200 -34.36 -32.39 -5.97
CA SER A 201 -36.31 -34.14 -8.79
CA PHE A 202 -36.15 -34.19 -12.56
CA PRO A 203 -38.19 -31.30 -14.02
CA LEU A 204 -41.36 -32.12 -15.93
CA SER A 205 -43.05 -30.17 -18.69
CA VAL A 206 -46.36 -29.96 -16.81
CA TYR A 207 -47.57 -30.46 -13.26
CA ALA A 208 -51.04 -31.12 -11.94
CA PRO A 209 -52.54 -28.84 -9.38
CA ALA A 210 -51.46 -29.83 -5.83
CA SER A 211 -48.11 -31.23 -7.13
CA SER A 212 -45.04 -30.19 -5.22
CA VAL A 213 -41.27 -30.11 -5.69
CA GLU A 214 -38.46 -29.33 -3.23
CA TYR A 215 -35.26 -27.34 -3.36
CA GLN A 216 -31.88 -27.85 -1.76
CA CYS A 217 -29.28 -25.12 -1.43
CA GLN A 218 -25.64 -25.71 -2.44
CA ASN A 219 -23.38 -26.84 0.31
CA LEU A 220 -22.35 -23.70 2.26
CA TYR A 221 -25.65 -21.91 1.53
CA GLN A 222 -28.41 -21.95 4.10
CA LEU A 223 -31.99 -22.51 2.88
CA GLU A 224 -34.30 -19.83 4.29
CA GLY A 225 -37.97 -20.71 4.62
CA ASN A 226 -39.95 -23.63 3.29
CA LYS A 227 -38.02 -25.89 0.84
CA ARG A 228 -41.27 -27.03 -0.86
CA ILE A 229 -43.17 -25.29 -3.62
CA THR A 230 -46.67 -26.34 -4.61
CA CYS A 231 -48.63 -25.87 -7.83
CA ARG A 232 -52.03 -24.20 -7.37
CA ASN A 233 -54.27 -22.30 -9.73
CA GLY A 234 -51.67 -22.33 -12.48
CA GLN A 235 -48.79 -20.90 -10.38
CA TRP A 236 -46.01 -22.24 -8.18
CA SER A 237 -45.80 -20.95 -4.63
CA GLU A 238 -42.78 -18.89 -3.58
CA PRO A 239 -39.44 -20.72 -3.57
CA PRO A 240 -37.02 -20.49 -0.58
CA LYS A 241 -33.86 -18.29 -0.66
CA CYS A 242 -30.31 -19.66 -0.39
CA LEU A 243 -28.54 -17.38 2.06
CA HIS A 244 -24.92 -16.65 1.22
CA PRO A 245 -21.84 -17.82 3.22
CA CYS A 246 -19.28 -15.24 4.39
CA VAL A 247 -15.63 -15.26 3.26
CA ILE A 248 -12.90 -13.90 5.57
CA SER A 249 -11.21 -10.75 4.22
CA ARG A 250 -7.42 -10.51 4.58
CA GLU A 251 -7.44 -6.76 3.91
CA ILE A 252 -10.18 -5.98 6.50
CA MET A 253 -8.46 -8.15 9.12
CA GLU A 254 -5.08 -6.48 8.42
CA ASN A 255 -6.76 -3.01 8.62
CA TYR A 256 -8.59 -3.81 11.89
CA ASN A 257 -5.52 -5.52 13.56
CA ILE A 258 -7.28 -8.85 14.10
CA ALA A 259 -6.63 -12.52 13.26
CA LEU A 260 -8.67 -15.70 13.55
CA ARG A 261 -8.52 -17.09 17.08
CA TRP A 262 -8.32 -20.77 16.15
CA THR A 263 -5.50 -21.40 13.65
CA ALA A 264 -6.39 -25.14 13.51
CA LYS A 265 -10.09 -24.37 12.96
CA GLN A 266 -10.17 -21.73 10.21
CA LYS A 267 -13.71 -20.95 9.03
CA LEU A 268 -12.48 -19.32 5.83
CA TYR A 269 -16.08 -19.63 4.61
CA SER A 270 -18.82 -19.48 7.19
CA ARG A 271 -22.48 -20.42 6.74
CA THR A 272 -25.24 -17.94 7.51
CA GLY A 273 -25.83 -18.33 11.26
CA GLU A 274 -22.33 -19.60 12.03
CA SER A 275 -19.98 -17.52 14.17
CA VAL A 276 -16.35 -16.68 13.59
CA GLU A 277 -14.08 -15.80 16.46
CA PHE A 278 -11.28 -13.28 16.14
CA VAL A 279 -8.52 -12.07 18.44
CA CYS A 280 -6.63 -8.81 18.57
CA LYS A 281 -3.16 -9.02 17.08
CA ARG A 282 -0.15 -8.79 19.45
CA GLY A 283 0.05 -5.27 20.87
CA TYR A 284 -3.57 -4.28 20.28
CA ARG A 285 -6.79 -4.09 22.26
CA LEU A 286 -10.50 -4.09 21.40
CA SER A 287 -11.50 -0.53 20.46
CA SER A 288 -14.39 1.24 22.20
CA ARG A 289 -17.70 0.74 20.35
CA SER A 290 -16.15 -2.33 18.60
CA HIS A 291 -18.30 -5.32 17.77
CA THR A 292 -17.62 -8.37 19.90
CA LEU A 293 -14.66 -10.55 18.87
CA ARG A 294 -17.16 -13.35 18.21
CA THR A 295 -19.37 -12.39 15.28
CA THR A 296 -22.09 -14.05 13.18
CA CYS A 297 -22.31 -14.50 9.47
CA TRP A 298 -25.52 -13.25 7.90
CA ASP A 299 -26.12 -13.75 4.18
CA GLY A 300 -22.57 -12.79 3.13
CA LYS A 301 -21.96 -10.09 5.77
CA LEU A 302 -19.68 -10.35 8.78
CA GLU A 303 -19.46 -7.32 11.10
CA TYR A 304 -15.80 -7.36 12.06
CA PRO A 305 -14.40 -6.19 15.42
CA THR A 306 -11.76 -3.46 15.44
CA CYS A 307 -8.62 -3.37 17.65
CA ALA A 308 -6.46 -0.35 18.42
CA LYS A 309 -2.76 -0.27 19.43
CA ARG A 310 -3.03 -1.50 22.95
CA PRO A 311 -0.20 -1.45 25.83
CA LEU A 312 -0.47 -2.27 29.80
CA GLU A 313 1.31 -1.11 33.15
CA GLN A 314 1.75 -2.87 36.54
CA LYS A 315 3.22 -1.67 39.81
CA LEU A 316 3.04 -1.91 43.52
CA ILE A 317 4.78 -0.24 46.62
CA SER A 318 5.66 -1.55 50.29
CA GLU A 319 4.62 0.64 53.46
CA GLU A 320 6.03 0.07 57.17
CA ASP A 321 5.74 0.14 61.13
CA LEU A 322 8.77 0.69 63.58
CA ASN A 323 9.41 0.77 67.53
CA SER A 324 12.58 0.28 70.23
CA ALA A 325 13.72 0.39 74.05
CA VAL A 326 15.21 3.38 75.91
CA ASP A 327 17.31 2.33 79.32
CA HIS A 328 16.48 4.53 82.60
CA HIS A 329 16.74 2.16 85.65
CA HIS A 330 15.48 3.26 89.45
CA HIS A 331 16.95 1.74 92.68
CA HIS A 332 15.97 1.96 96.54
CA HIS A 333 18.17 1.55 99.73
CA GLU A 1 -11.45 -19.43 22.84
CA ALA A 2 -12.74 -16.31 20.80
CA GLU A 3 -11.02 -13.75 18.34
CA ALA A 4 -10.15 -9.84 17.68
CA GLU A 5 -11.71 -8.80 14.41
CA PHE A 6 -10.03 -6.24 11.97
CA GLY A 7 -10.83 -5.29 8.12
CA LEU A 8 -12.09 -4.73 5.57
CA PRO A 9 -11.13 -7.89 3.56
CA CYS A 10 -11.04 -7.50 -0.25
CA LYS A 11 -13.36 -9.37 -2.59
CA SER A 12 -13.05 -9.89 -6.37
CA PRO A 13 -10.97 -7.02 -7.90
CA PRO A 14 -12.95 -4.64 -10.23
CA GLU A 15 -12.24 -4.19 -13.94
CA ILE A 16 -9.45 -1.83 -15.05
CA SER A 17 -9.08 0.95 -17.66
CA HIS A 18 -9.43 -0.68 -21.14
CA GLY A 19 -7.81 -3.76 -19.62
CA VAL A 20 -8.45 -7.12 -18.01
CA VAL A 21 -6.97 -9.46 -15.45
CA ALA A 22 -4.98 -12.59 -16.35
CA HIS A 23 -5.01 -14.13 -12.86
CA MET A 24 -8.72 -14.35 -12.10
CA SER A 25 -8.80 -16.22 -8.77
CA ASP A 26 -11.66 -16.93 -6.33
CA SER A 27 -10.00 -16.08 -2.98
CA TYR A 28 -8.72 -12.51 -2.47
CA GLN A 29 -8.31 -11.42 1.17
CA TYR A 30 -5.47 -9.05 2.22
CA GLY A 31 -1.82 -8.87 1.10
CA GLU A 32 -2.45 -9.90 -2.51
CA GLU A 33 -1.53 -8.49 -5.92
CA VAL A 34 -3.23 -8.83 -9.33
CA THR A 35 -2.28 -8.49 -13.02
CA TYR A 36 -3.93 -5.32 -14.36
CA LYS A 37 -2.94 -5.77 -18.03
CA CYS A 38 -4.24 -3.58 -20.91
CA PHE A 39 -5.74 -4.85 -24.20
CA GLU A 40 -4.31 -4.79 -27.74
CA GLY A 41 -4.85 -1.36 -29.31
CA PHE A 42 -4.10 0.52 -26.04
CA GLY A 43 -0.58 1.75 -25.30
CA ILE A 44 0.43 0.98 -21.74
CA ASP A 45 2.20 3.39 -19.44
CA GLY A 46 3.05 2.53 -15.82
CA PRO A 47 3.22 -0.97 -14.30
CA ALA A 48 0.48 -3.53 -15.11
CA ILE A 49 -0.52 -4.68 -11.58
CA ALA A 50 -2.64 -3.66 -8.60
CA LYS A 51 -2.58 -4.46 -4.85
CA CYS A 52 -5.32 -5.15 -2.21
CA LEU A 53 -5.92 -2.30 0.26
CA GLY A 54 -8.66 -3.79 2.40
CA GLU A 55 -11.74 -2.91 0.33
CA LYS A 56 -10.23 -0.94 -2.57
CA TRP A 57 -7.38 -1.85 -4.88
CA SER A 58 -4.11 0.08 -5.41
CA HIS A 59 -2.19 1.31 -8.58
CA PRO A 60 -4.42 1.32 -11.61
CA PRO A 61 -2.50 1.50 -14.98
CA SER A 62 -2.53 4.11 -17.67
CA CYS A 63 -3.73 2.38 -20.84
CA ILE A 64 -4.53 6.11 -22.10
CA LYS A 65 -3.60 8.48 -24.89
CA THR A 66 -1.35 11.45 -23.94
CA ASP A 67 0.86 12.42 -26.95
CA CYS A 68 1.54 15.50 -29.20
CA LEU A 69 3.09 16.89 -32.36
CA SER A 70 5.64 19.57 -32.96
CA LEU A 71 4.35 22.75 -31.41
CA PRO A 72 3.42 25.65 -33.54
CA SER A 73 5.67 28.64 -33.36
CA PHE A 74 3.98 31.47 -31.64
CA GLU A 75 3.86 35.08 -32.58
CA ASN A 76 7.30 36.60 -32.17
CA ALA A 77 8.74 33.49 -30.65
CA ILE A 78 10.60 30.30 -31.45
CA PRO A 79 9.84 26.86 -30.15
CA MET A 80 12.61 24.92 -28.55
CA GLY A 81 12.87 21.29 -27.68
CA GLU A 82 15.70 19.58 -25.91
CA LYS A 83 15.01 16.39 -27.69
CA LYS A 84 12.81 15.71 -30.65
CA ASP A 85 9.85 17.80 -31.51
CA VAL A 86 7.54 14.98 -30.71
CA TYR A 87 7.00 15.04 -27.00
CA LYS A 88 5.09 11.85 -26.72
CA ALA A 89 2.53 12.48 -24.01
CA GLY A 90 2.09 14.70 -21.04
CA GLU A 91 5.42 16.47 -21.18
CA GLN A 92 6.54 19.99 -20.59
CA VAL A 93 7.45 21.99 -23.62
CA THR A 94 9.22 25.25 -23.20
CA TYR A 95 9.03 27.96 -25.82
CA THR A 96 11.57 30.62 -26.56
CA CYS A 97 11.42 34.29 -27.49
CA ALA A 98 13.60 36.68 -29.44
CA THR A 99 16.32 38.75 -27.82
CA TYR A 100 14.09 41.48 -26.51
CA TYR A 101 10.97 39.55 -25.49
CA LYS A 102 9.72 37.71 -22.44
CA MET A 103 7.55 34.60 -22.10
CA ASP A 104 4.34 34.78 -20.15
CA GLY A 105 3.46 31.34 -18.94
CA ALA A 106 3.45 28.89 -16.08
CA SER A 107 6.87 27.46 -16.70
CA ASN A 108 6.26 25.11 -19.59
CA VAL A 109 3.35 24.16 -21.75
CA THR A 110 1.63 20.94 -20.85
CA CYS A 111 0.20 18.90 -23.65
CA ILE A 112 -2.02 16.07 -22.67
CA ASN A 113 -3.74 14.26 -25.46
CA SER A 114 -3.42 17.02 -28.07
CA ARG A 115 -4.25 19.97 -25.86
CA TRP A 116 -1.75 22.65 -25.01
CA THR A 117 -2.72 24.16 -21.71
CA GLY A 118 -0.74 27.33 -21.24
CA ARG A 119 0.44 29.27 -24.21
CA PRO A 120 3.51 31.29 -23.74
CA THR A 121 3.33 34.74 -25.22
CA CYS A 122 6.24 36.92 -26.05
CA ARG A 123 7.55 39.86 -24.85
CA ASP A 124 7.06 42.12 -21.72
CA THR A 125 9.92 42.37 -18.88
CA SER A 126 10.81 45.62 -16.67
CA CYS A 127 14.48 46.80 -15.64
CA VAL A 128 17.40 49.04 -16.38
CA ASN A 129 21.11 48.85 -15.84
CA PRO A 130 21.68 48.82 -12.17
CA PRO A 131 23.26 51.62 -10.29
CA THR A 132 26.58 51.40 -8.55
CA VAL A 133 26.68 50.19 -4.98
CA GLN A 134 28.69 51.73 -2.12
CA ASN A 135 32.03 50.05 -2.47
CA ALA A 136 31.21 47.88 -5.42
CA TYR A 137 30.62 47.47 -9.12
CA ILE A 138 27.86 45.80 -11.07
CA VAL A 139 28.59 42.73 -13.14
CA SER A 140 26.31 41.47 -15.80
CA ARG A 141 25.70 38.84 -18.37
CA GLN A 142 25.47 39.39 -22.05
CA MET A 143 22.69 41.85 -21.49
CA SER A 144 23.28 45.03 -19.58
CA LYS A 145 19.61 45.62 -19.22
CA TYR A 146 17.90 42.76 -17.56
CA PRO A 147 14.35 42.14 -18.63
CA SER A 148 11.91 42.31 -15.74
CA GLY A 149 11.86 39.51 -13.18
CA GLU A 150 15.52 38.56 -13.33
CA ARG A 151 18.44 37.92 -11.02
CA VAL A 152 21.11 40.54 -10.97
CA ARG A 153 24.40 39.87 -9.30
CA TYR A 154 26.65 42.65 -8.03
CA GLN A 155 30.35 42.56 -7.37
CA CYS A 156 32.74 44.17 -4.93
CA ARG A 157 36.40 45.09 -4.86
CA SER A 158 38.92 42.43 -3.99
CA PRO A 159 38.86 43.42 -0.35
CA TYR A 160 35.12 43.11 0.21
CA GLU A 161 32.28 40.62 0.41
CA MET A 162 28.73 40.94 -0.84
CA PHE A 163 25.88 40.32 1.51
CA GLY A 164 22.66 39.42 -0.19
CA ASP A 165 20.19 36.65 -0.74
CA GLU A 166 21.70 35.36 -3.96
CA GLU A 167 21.01 38.13 -6.41
CA VAL A 168 18.86 41.18 -6.66
CA MET A 169 15.39 40.70 -7.98
CA CYS A 170 13.84 43.48 -9.93
CA LEU A 171 10.13 43.15 -10.45
CA ASN A 172 8.84 45.90 -12.69
CA GLY A 173 11.22 48.57 -11.47
CA ASN A 174 11.77 47.50 -7.89
CA TRP A 175 15.11 46.15 -6.73
CA THR A 176 14.45 44.19 -3.63
CA GLU A 177 17.73 43.02 -2.18
CA PRO A 178 20.67 45.27 -2.11
CA PRO A 179 24.02 43.66 -1.99
CA GLN A 180 26.30 45.47 0.37
CA CYS A 181 30.02 45.27 0.34
CA LYS A 182 30.04 45.24 4.32
CA ASP A 183 32.91 44.84 6.99
CA SER A 184 31.20 43.28 9.95
CA THR A 185 31.10 39.54 11.52
CA GLY A 186 31.07 38.51 15.30
CA LYS A 187 27.39 37.45 15.09
CA CYS A 188 26.27 34.25 16.91
CA GLY A 189 23.81 31.48 15.96
CA PRO A 190 21.15 30.02 18.23
CA PRO A 191 22.16 29.51 21.87
CA PRO A 192 23.17 26.03 23.06
CA PRO A 193 20.78 23.70 24.92
CA ILE A 194 21.89 22.71 28.43
CA ASP A 195 20.76 19.69 30.40
CA ASN A 196 17.83 20.30 32.72
CA GLY A 197 17.59 24.01 31.83
CA ASP A 198 16.10 26.24 29.20
CA ILE A 199 16.61 29.77 27.80
CA THR A 200 14.00 32.26 28.87
CA SER A 201 13.37 33.81 25.41
CA PHE A 202 12.44 32.49 21.99
CA PRO A 203 15.58 31.45 20.07
CA LEU A 204 16.60 33.48 17.05
CA SER A 205 18.57 32.40 13.99
CA VAL A 206 21.21 35.09 14.47
CA TYR A 207 22.35 37.39 17.25
CA ALA A 208 24.36 40.59 17.10
CA PRO A 209 27.54 40.91 19.05
CA ALA A 210 26.85 42.01 22.65
CA SER A 211 23.41 40.28 22.63
CA SER A 212 22.60 38.17 25.64
CA VAL A 213 20.17 35.43 26.65
CA GLU A 214 19.47 33.85 30.05
CA TYR A 215 18.87 30.34 31.30
CA GLN A 216 16.65 28.95 34.01
CA CYS A 217 17.08 25.48 35.52
CA GLN A 218 14.12 23.12 35.93
CA ASN A 219 12.40 23.27 39.25
CA LEU A 220 14.47 21.12 41.65
CA TYR A 221 17.76 21.89 39.85
CA GLN A 222 20.04 24.61 41.16
CA LEU A 223 21.65 26.97 38.63
CA GLU A 224 25.40 27.17 39.24
CA GLY A 225 27.17 30.33 38.08
CA ASN A 226 25.98 33.17 35.89
CA LYS A 227 22.58 32.58 34.21
CA ARG A 228 23.45 34.96 31.33
CA ILE A 229 25.38 34.16 28.18
CA THR A 230 26.64 36.87 25.85
CA CYS A 231 27.56 36.82 22.17
CA ARG A 232 31.07 38.12 21.42
CA ASN A 233 33.42 37.56 18.52
CA GLY A 234 31.16 34.95 16.98
CA GLN A 235 30.81 32.77 20.10
CA TRP A 236 28.50 32.53 23.11
CA SER A 237 30.06 32.69 26.55
CA GLU A 238 29.88 29.63 28.80
CA PRO A 239 26.40 28.63 29.97
CA PRO A 240 25.64 27.85 33.66
CA LYS A 241 25.23 24.24 34.95
CA CYS A 242 22.01 22.88 36.45
CA LEU A 243 23.07 20.97 39.55
CA HIS A 244 21.13 17.79 40.23
CA PRO A 245 18.71 17.17 43.15
CA CYS A 246 19.23 14.11 45.39
CA VAL A 247 16.64 11.32 45.73
CA ILE A 248 16.39 9.35 49.00
CA SER A 249 17.36 5.67 48.62
CA ARG A 250 15.18 3.11 50.42
CA GLU A 251 17.84 0.38 50.06
CA ILE A 252 20.71 2.54 51.46
CA MET A 253 18.54 3.71 54.38
CA GLU A 254 17.48 0.10 55.15
CA ASN A 255 21.16 -1.04 54.92
CA TYR A 256 22.41 1.80 57.18
CA ASN A 257 19.54 1.43 59.77
CA ILE A 258 18.31 5.02 59.37
CA ALA A 259 15.00 6.76 58.59
CA LEU A 260 14.01 10.34 57.84
CA ARG A 261 13.62 12.32 61.06
CA TRP A 262 10.58 14.36 60.03
CA THR A 263 7.79 12.07 58.74
CA ALA A 264 5.56 15.12 58.02
CA LYS A 265 8.38 16.89 56.15
CA GLN A 266 9.80 14.28 53.78
CA LYS A 267 12.40 15.74 51.39
CA LEU A 268 12.16 12.77 49.02
CA TYR A 269 13.97 14.99 46.50
CA SER A 270 16.38 17.56 47.84
CA ARG A 271 17.93 20.50 45.97
CA THR A 272 21.68 20.93 45.80
CA GLY A 273 22.55 22.81 49.00
CA GLU A 274 19.53 21.58 50.96
CA SER A 275 20.01 19.32 53.97
CA VAL A 276 18.21 16.14 54.88
CA GLU A 277 18.01 14.98 58.46
CA PHE A 278 18.01 11.32 59.41
CA VAL A 279 17.62 9.42 62.67
CA CYS A 280 18.85 6.01 63.74
CA LYS A 281 16.17 3.35 63.69
CA ARG A 282 14.92 1.96 67.02
CA GLY A 283 17.68 -0.06 68.66
CA TYR A 284 20.61 1.51 66.79
CA ARG A 285 23.22 4.19 67.40
CA LEU A 286 25.41 6.38 65.21
CA SER A 287 28.50 4.36 64.20
CA SER A 288 32.02 5.68 64.83
CA ARG A 289 33.37 7.62 61.83
CA SER A 290 29.74 8.05 60.59
CA HIS A 291 28.73 11.22 58.79
CA THR A 292 26.48 13.50 60.80
CA LEU A 293 22.76 12.65 60.82
CA ARG A 294 22.14 15.97 59.07
CA THR A 295 23.65 15.85 55.59
CA THR A 296 23.72 18.09 52.50
CA CYS A 297 22.76 17.31 48.96
CA TRP A 298 25.42 18.11 46.38
CA ASP A 299 24.66 17.62 42.68
CA GLY A 300 22.88 14.26 43.15
CA LYS A 301 25.02 12.92 46.00
CA LEU A 302 24.01 12.56 49.62
CA GLU A 303 26.60 11.14 52.06
CA TYR A 304 24.43 9.05 54.35
CA PRO A 305 25.10 8.42 58.06
CA THR A 306 25.44 4.85 59.27
CA CYS A 307 23.97 3.42 62.51
CA ALA A 308 24.98 0.21 64.27
CA LYS A 309 22.88 -1.99 66.61
CA ARG A 310 24.77 -4.30 68.95
CA PRO A 311 27.73 -6.47 67.61
CA LEU A 312 28.81 -9.72 69.37
CA GLU A 313 32.34 -11.57 68.89
CA GLN A 314 32.83 -14.47 71.35
CA LYS A 315 35.30 -17.34 70.58
CA LEU A 316 37.75 -19.98 72.08
CA ILE A 317 40.60 -21.87 70.03
CA SER A 318 42.74 -24.38 71.96
CA GLU A 319 44.24 -27.93 70.91
CA GLU A 320 45.81 -31.36 72.26
CA ASP A 321 49.23 -33.05 73.39
CA LEU A 322 50.22 -36.57 75.00
CA ASN A 323 52.74 -38.83 77.11
CA SER A 324 54.77 -42.28 76.94
CA ALA A 325 57.15 -43.27 80.07
CA VAL A 326 57.49 -46.75 82.25
CA ASP A 327 60.55 -48.18 84.41
CA HIS A 328 62.76 -51.46 83.76
CA HIS A 329 63.72 -54.76 85.44
CA HIS A 330 67.33 -55.28 86.80
CA HIS A 331 68.18 -58.90 85.77
CA HIS A 332 71.62 -60.62 86.80
CA HIS A 333 74.27 -63.68 87.25
CA GLU A 1 -0.04 -78.50 1.36
CA ALA A 2 -0.46 -74.95 -0.07
CA GLU A 3 -1.61 -73.32 -3.48
CA ALA A 4 1.07 -72.74 -6.43
CA GLU A 5 1.68 -69.05 -7.81
CA PHE A 6 3.18 -68.13 -11.40
CA GLY A 7 2.57 -65.39 -13.94
CA LEU A 8 1.39 -62.75 -13.92
CA PRO A 9 -2.37 -63.60 -13.75
CA CYS A 10 -4.77 -60.96 -15.12
CA LYS A 11 -7.31 -59.13 -12.97
CA SER A 12 -10.35 -57.09 -14.07
CA PRO A 13 -9.78 -55.72 -17.64
CA PRO A 14 -9.40 -51.88 -17.86
CA GLU A 15 -11.79 -49.60 -19.74
CA ILE A 16 -11.40 -49.16 -23.52
CA SER A 17 -11.35 -46.20 -25.96
CA HIS A 18 -14.84 -44.57 -25.89
CA GLY A 19 -16.20 -48.06 -25.25
CA VAL A 20 -17.32 -50.52 -22.59
CA VAL A 21 -17.42 -54.23 -21.91
CA ALA A 22 -20.57 -56.35 -22.27
CA HIS A 23 -19.22 -59.43 -20.46
CA MET A 24 -18.20 -58.02 -17.09
CA SER A 25 -17.17 -61.14 -15.14
CA ASP A 26 -15.47 -61.55 -11.73
CA SER A 27 -12.83 -64.19 -12.53
CA TYR A 28 -10.21 -63.37 -15.19
CA GLN A 29 -6.97 -65.41 -15.02
CA TYR A 30 -5.09 -66.41 -18.21
CA GLY A 31 -6.36 -67.59 -21.61
CA GLU A 32 -9.49 -65.41 -21.64
CA GLU A 33 -11.04 -62.94 -24.08
CA VAL A 34 -13.36 -59.94 -23.50
CA THR A 35 -15.86 -57.87 -25.54
CA TYR A 36 -14.30 -54.45 -26.14
CA LYS A 37 -17.33 -52.81 -27.80
CA CYS A 38 -17.60 -49.07 -28.64
CA PHE A 39 -20.52 -46.75 -27.74
CA GLU A 40 -23.19 -45.18 -29.97
CA GLY A 41 -21.80 -42.08 -31.68
CA PHE A 42 -18.34 -43.64 -32.26
CA GLY A 43 -17.56 -45.40 -35.54
CA ILE A 44 -15.80 -48.71 -34.96
CA ASP A 45 -12.82 -49.92 -36.94
CA GLY A 46 -11.03 -53.20 -36.15
CA PRO A 47 -12.44 -56.12 -34.12
CA ALA A 48 -14.34 -55.42 -30.85
CA ILE A 49 -12.50 -57.80 -28.44
CA ALA A 50 -9.35 -58.06 -26.33
CA LYS A 51 -7.30 -60.97 -24.89
CA CYS A 52 -5.47 -61.57 -21.54
CA LEU A 53 -1.68 -61.38 -21.74
CA GLY A 54 -0.75 -62.04 -18.12
CA GLU A 55 -1.05 -58.55 -16.64
CA LYS A 56 -1.94 -56.45 -19.69
CA TRP A 57 -4.70 -56.96 -22.25
CA SER A 58 -4.28 -57.40 -26.04
CA HIS A 59 -5.95 -55.72 -29.14
CA PRO A 60 -7.67 -52.52 -28.19
CA PRO A 61 -10.22 -51.26 -30.84
CA SER A 62 -10.26 -48.12 -32.90
CA CYS A 63 -13.47 -46.29 -31.97
CA ILE A 64 -11.65 -42.86 -33.30
CA LYS A 65 -14.20 -40.68 -35.20
CA THR A 66 -12.69 -37.48 -36.71
CA ASP A 67 -14.79 -36.29 -39.65
CA CYS A 68 -15.27 -33.97 -42.80
CA LEU A 69 -18.36 -32.73 -44.61
CA SER A 70 -19.77 -33.46 -47.99
CA LEU A 71 -17.13 -32.60 -50.54
CA PRO A 72 -17.64 -29.78 -52.91
CA SER A 73 -18.21 -30.68 -56.49
CA PHE A 74 -15.28 -29.74 -58.58
CA GLU A 75 -15.18 -28.04 -61.91
CA ASN A 76 -16.58 -30.38 -64.54
CA ALA A 77 -16.89 -33.24 -62.15
CA ILE A 78 -19.28 -35.00 -59.81
CA PRO A 79 -18.53 -36.22 -56.33
CA MET A 80 -19.32 -39.78 -55.51
CA GLY A 81 -19.55 -41.54 -52.20
CA GLU A 82 -20.18 -45.19 -51.62
CA LYS A 83 -21.84 -44.46 -48.37
CA LYS A 84 -22.99 -41.22 -46.92
CA ASP A 85 -21.49 -37.93 -47.83
CA VAL A 86 -20.09 -37.54 -44.39
CA TYR A 87 -16.86 -39.44 -44.31
CA LYS A 88 -16.17 -39.12 -40.66
CA ALA A 89 -12.43 -38.78 -40.40
CA GLY A 90 -9.39 -39.70 -42.36
CA GLU A 91 -11.09 -41.53 -45.18
CA GLN A 92 -10.55 -41.72 -48.88
CA VAL A 93 -13.04 -39.94 -51.02
CA THR A 94 -13.07 -40.57 -54.71
CA TYR A 95 -14.45 -38.02 -57.14
CA THR A 96 -15.95 -38.67 -60.51
CA CYS A 97 -15.84 -36.95 -63.87
CA ALA A 98 -18.14 -36.65 -66.85
CA THR A 99 -18.05 -39.06 -69.77
CA TYR A 100 -15.14 -37.48 -71.56
CA TYR A 101 -12.91 -36.40 -68.69
CA LYS A 102 -10.18 -37.91 -66.56
CA MET A 103 -9.29 -37.42 -62.89
CA ASP A 104 -5.83 -36.24 -61.96
CA GLY A 105 -5.09 -37.32 -58.46
CA ALA A 106 -3.35 -39.79 -56.20
CA SER A 107 -6.16 -42.30 -56.04
CA ASN A 108 -8.54 -40.71 -53.59
CA VAL A 109 -8.71 -37.51 -51.65
CA THR A 110 -7.67 -37.73 -48.05
CA CYS A 111 -9.44 -35.51 -45.60
CA ILE A 112 -7.96 -35.30 -42.18
CA ASN A 113 -9.49 -32.80 -39.85
CA SER A 114 -11.14 -30.64 -42.51
CA ARG A 115 -8.31 -30.58 -45.00
CA TRP A 116 -8.56 -32.18 -48.41
CA THR A 117 -5.11 -33.12 -49.52
CA GLY A 118 -5.24 -33.96 -53.19
CA ARG A 119 -7.85 -32.42 -55.38
CA PRO A 120 -8.87 -34.37 -58.36
CA THR A 121 -9.20 -32.35 -61.51
CA CYS A 122 -11.11 -33.34 -64.56
CA ARG A 123 -13.71 -32.33 -64.82
CA ASP A 124 -16.74 -32.64 -67.50
CA THR A 125 -20.02 -34.28 -65.71
CA SER A 126 -23.05 -36.30 -67.49
CA CYS A 127 -27.02 -36.59 -66.67
CA VAL A 128 -30.16 -38.65 -66.74
CA ASN A 129 -33.85 -37.90 -66.63
CA PRO A 130 -34.55 -36.38 -63.32
CA PRO A 131 -36.53 -38.05 -60.66
CA THR A 132 -39.86 -36.84 -59.42
CA VAL A 133 -39.97 -34.32 -56.62
CA GLN A 134 -42.26 -34.39 -53.56
CA ASN A 135 -45.36 -32.67 -54.82
CA ALA A 136 -44.15 -31.93 -58.30
CA TYR A 137 -43.37 -33.07 -61.82
CA ILE A 138 -40.35 -32.58 -64.00
CA VAL A 139 -40.61 -30.53 -67.15
CA SER A 140 -38.09 -30.64 -69.89
CA ARG A 141 -37.05 -29.30 -73.22
CA GLN A 142 -36.75 -31.28 -76.36
CA MET A 143 -34.32 -33.58 -74.66
CA SER A 144 -35.38 -35.68 -71.72
CA LYS A 145 -31.82 -36.44 -70.86
CA TYR A 146 -29.84 -33.34 -70.29
CA PRO A 147 -26.20 -33.53 -71.21
CA SER A 148 -23.91 -32.78 -68.29
CA GLY A 149 -23.63 -29.22 -67.01
CA GLU A 150 -27.13 -28.06 -67.82
CA ARG A 151 -30.04 -26.27 -66.21
CA VAL A 152 -33.02 -28.39 -65.37
CA ARG A 153 -36.27 -26.81 -64.39
CA TYR A 154 -38.88 -28.62 -62.33
CA GLN A 155 -42.57 -27.91 -62.06
CA CYS A 156 -45.24 -28.20 -59.41
CA ARG A 157 -48.98 -28.66 -59.31
CA SER A 158 -51.20 -25.63 -59.75
CA PRO A 159 -51.40 -25.11 -56.01
CA TYR A 160 -47.67 -24.98 -55.30
CA GLU A 161 -44.56 -22.90 -55.85
CA MET A 162 -41.03 -24.03 -56.56
CA PHE A 163 -38.22 -22.81 -54.41
CA GLY A 164 -34.86 -22.97 -56.04
CA ASP A 165 -32.03 -20.90 -57.41
CA GLU A 166 -33.24 -20.84 -60.99
CA GLU A 167 -32.81 -24.40 -62.11
CA VAL A 168 -31.03 -27.50 -60.97
CA MET A 169 -27.49 -27.92 -62.08
CA CYS A 170 -26.21 -31.37 -62.66
CA LEU A 171 -22.46 -31.63 -62.95
CA ASN A 172 -21.43 -35.16 -63.83
CA GLY A 173 -24.17 -36.88 -61.88
CA ASN A 174 -24.74 -34.44 -59.05
CA TRP A 175 -27.93 -32.43 -58.80
CA THR A 176 -27.16 -29.48 -56.65
CA GLU A 177 -30.32 -27.51 -56.05
CA PRO A 178 -33.52 -29.26 -55.37
CA PRO A 179 -36.65 -27.41 -56.17
CA GLN A 180 -39.23 -27.92 -53.50
CA CYS A 181 -42.89 -27.39 -53.92
CA LYS A 182 -43.48 -25.83 -50.36
CA ASP A 183 -42.09 -22.58 -48.59
CA SER A 184 -41.34 -20.72 -45.24
CA THR A 185 -41.45 -22.37 -41.63
CA GLY A 186 -40.48 -20.70 -38.34
CA LYS A 187 -43.67 -21.80 -36.53
CA CYS A 188 -43.60 -22.25 -32.71
CA GLY A 189 -45.24 -24.82 -30.40
CA PRO A 190 -47.07 -24.04 -27.18
CA PRO A 191 -45.55 -21.29 -25.01
CA PRO A 192 -43.45 -22.25 -21.98
CA PRO A 193 -44.81 -22.27 -18.43
CA ILE A 194 -43.08 -19.90 -16.00
CA ASP A 195 -43.05 -20.14 -12.23
CA ASN A 196 -45.76 -18.14 -10.48
CA GLY A 197 -47.17 -16.75 -13.74
CA ASP A 198 -49.53 -17.73 -16.50
CA ILE A 199 -50.24 -16.78 -20.13
CA THR A 200 -53.33 -14.69 -20.64
CA SER A 201 -54.77 -16.67 -23.61
CA PHE A 202 -55.64 -20.29 -24.27
CA PRO A 203 -52.57 -22.19 -25.53
CA LEU A 204 -52.53 -23.39 -29.12
CA SER A 205 -50.70 -26.33 -30.64
CA VAL A 206 -48.91 -24.17 -33.21
CA TYR A 207 -48.21 -20.49 -33.72
CA ALA A 208 -47.25 -18.60 -36.86
CA PRO A 209 -44.12 -16.57 -36.94
CA ALA A 210 -44.70 -13.06 -35.52
CA SER A 211 -47.46 -14.35 -33.17
CA SER A 212 -47.26 -13.20 -29.59
CA VAL A 213 -48.67 -14.15 -26.19
CA GLU A 214 -48.49 -12.37 -22.83
CA TYR A 215 -47.87 -13.43 -19.25
CA GLN A 216 -49.28 -12.20 -15.96
CA CYS A 217 -47.68 -12.94 -12.60
CA GLN A 218 -49.75 -14.23 -9.67
CA ASN A 219 -51.06 -11.58 -7.37
CA LEU A 220 -48.19 -10.68 -4.98
CA TYR A 221 -45.49 -11.43 -7.60
CA GLN A 222 -43.99 -8.61 -9.59
CA LEU A 223 -43.43 -9.17 -13.34
CA GLU A 224 -39.86 -8.24 -14.28
CA GLY A 225 -39.25 -7.23 -17.90
CA ASN A 226 -41.45 -7.46 -20.95
CA LYS A 227 -44.69 -9.45 -20.43
CA ARG A 228 -44.89 -10.36 -24.16
CA ILE A 229 -43.18 -13.22 -25.93
CA THR A 230 -43.03 -13.43 -29.71
CA CYS A 231 -42.55 -16.38 -32.05
CA ARG A 232 -39.68 -15.95 -34.53
CA ASN A 233 -37.61 -18.42 -36.49
CA GLY A 234 -39.16 -21.37 -34.69
CA GLN A 235 -38.49 -20.13 -31.13
CA TRP A 236 -40.29 -18.01 -28.53
CA SER A 237 -38.48 -14.99 -27.15
CA GLU A 238 -37.50 -14.94 -23.48
CA PRO A 239 -40.39 -14.86 -21.00
CA PRO A 240 -40.46 -12.37 -18.06
CA LYS A 241 -39.64 -13.44 -14.44
CA CYS A 242 -42.13 -13.27 -11.57
CA LEU A 243 -40.22 -11.77 -8.67
CA HIS A 244 -41.05 -13.22 -5.27
CA PRO A 245 -42.84 -11.39 -2.40
CA CYS A 246 -41.20 -11.30 1.06
CA VAL A 247 -42.80 -12.83 4.17
CA ILE A 248 -42.09 -11.33 7.61
CA SER A 249 -40.13 -13.68 9.92
CA ARG A 250 -41.23 -13.88 13.56
CA GLU A 251 -37.95 -15.52 14.61
CA ILE A 252 -35.71 -12.90 12.90
CA MET A 253 -37.79 -10.03 14.34
CA GLU A 254 -37.65 -11.58 17.85
CA ASN A 255 -33.85 -12.11 17.48
CA TYR A 256 -33.24 -8.54 16.22
CA ASN A 257 -35.58 -6.88 18.85
CA ILE A 258 -37.85 -5.24 16.27
CA ALA A 259 -41.59 -5.16 15.49
CA LEU A 260 -43.66 -3.78 12.63
CA ARG A 261 -44.25 -0.06 13.08
CA TRP A 262 -47.86 0.02 11.86
CA THR A 263 -49.97 -2.57 13.72
CA ALA A 264 -53.06 -1.59 11.66
CA LYS A 265 -51.12 -1.85 8.39
CA GLN A 266 -49.26 -5.16 8.58
CA LYS A 267 -47.49 -6.04 5.31
CA LEU A 268 -47.11 -9.71 6.30
CA TYR A 269 -46.33 -10.33 2.62
CA SER A 270 -44.65 -7.54 0.70
CA ARG A 271 -44.24 -7.25 -3.08
CA THR A 272 -40.84 -6.83 -4.65
CA GLY A 273 -40.21 -3.07 -4.52
CA GLU A 274 -42.48 -2.43 -1.54
CA SER A 275 -41.03 -1.24 1.75
CA VAL A 276 -41.70 -2.49 5.26
CA GLU A 277 -41.16 -0.27 8.25
CA PHE A 278 -39.98 -1.61 11.57
CA VAL A 279 -39.43 -0.09 15.00
CA CYS A 280 -37.14 -1.07 17.83
CA LYS A 281 -38.89 -2.88 20.65
CA ARG A 282 -39.32 -1.07 24.00
CA GLY A 283 -35.92 -0.67 25.63
CA TYR A 284 -33.80 -1.04 22.49
CA ARG A 285 -32.04 1.21 20.00
CA LEU A 286 -30.86 0.88 16.41
CA SER A 287 -27.45 -0.85 16.44
CA SER A 288 -24.43 0.73 14.72
CA ARG A 289 -24.03 -0.49 11.12
CA SER A 290 -27.75 -1.54 11.18
CA HIS A 291 -29.84 -1.27 8.04
CA THR A 292 -32.42 1.48 8.14
CA LEU A 293 -35.71 0.70 9.93
CA ARG A 294 -37.46 1.14 6.58
CA THR A 295 -36.37 -1.62 4.24
CA THR A 296 -37.32 -2.84 0.73
CA CYS A 297 -38.39 -6.24 -0.40
CA TRP A 298 -36.39 -7.67 -3.29
CA ASP A 299 -37.37 -11.02 -4.80
CA GLY A 300 -38.02 -12.72 -1.45
CA LYS A 301 -35.27 -11.00 0.55
CA LEU A 302 -35.73 -8.34 3.22
CA GLU A 303 -32.58 -6.96 4.91
CA TYR A 304 -33.77 -6.49 8.46
CA PRO A 305 -32.54 -3.79 10.85
CA THR A 306 -31.04 -4.82 14.18
CA CYS A 307 -31.65 -3.14 17.57
CA ALA A 308 -29.54 -3.49 20.71
CA LYS A 309 -30.63 -3.01 24.36
CA ARG A 310 -28.66 -2.32 27.47
CA PRO A 311 -24.81 -1.80 28.41
CA LEU A 312 -23.64 -2.96 32.01
CA GLU A 313 -21.85 -1.26 35.00
CA GLN A 314 -18.51 -1.99 37.03
CA LYS A 315 -16.29 -1.08 40.16
CA LEU A 316 -12.56 -1.27 41.65
CA ILE A 317 -12.22 -0.48 45.57
CA SER A 318 -10.89 -1.85 48.94
CA GLU A 319 -10.44 0.85 51.69
CA GLU A 320 -8.83 0.59 55.26
CA ASP A 321 -6.93 2.63 58.18
CA LEU A 322 -5.58 3.27 61.85
CA ASN A 323 -2.07 4.69 63.29
CA SER A 324 -0.75 5.39 66.88
CA ALA A 325 3.16 5.31 68.20
CA VAL A 326 4.80 4.42 71.56
CA ASP A 327 8.00 6.09 73.01
CA HIS A 328 9.68 5.17 76.58
CA HIS A 329 12.66 7.52 77.43
CA HIS A 330 14.00 7.38 81.04
CA HIS A 331 17.78 6.99 81.85
CA HIS A 332 18.52 7.80 85.76
CA HIS A 333 21.44 6.04 87.77
#